data_1UZG
#
_entry.id   1UZG
#
_cell.length_a   52.855
_cell.length_b   68.631
_cell.length_c   270.180
_cell.angle_alpha   90.00
_cell.angle_beta   90.00
_cell.angle_gamma   90.00
#
_symmetry.space_group_name_H-M   'P 21 21 21'
#
loop_
_entity.id
_entity.type
_entity.pdbx_description
1 polymer 'MAJOR ENVELOPE PROTEIN E'
2 branched beta-L-fucopyranose-(1-6)-2-acetamido-2-deoxy-beta-D-glucopyranose
3 branched beta-D-mannopyranose-(1-3)-[beta-D-mannopyranose-(1-6)]beta-D-mannopyranose-(1-4)-2-acetamido-2-deoxy-beta-D-glucopyranose-(1-4)-[beta-L-fucopyranose-(1-6)]2-acetamido-2-deoxy-beta-D-glucopyranose
4 branched alpha-D-mannopyranose-(1-4)-2-acetamido-2-deoxy-beta-D-glucopyranose-(1-4)-[beta-L-fucopyranose-(1-6)]2-acetamido-2-deoxy-beta-D-glucopyranose
5 non-polymer 2-acetamido-2-deoxy-beta-D-glucopyranose
6 water water
#
_entity_poly.entity_id   1
_entity_poly.type   'polypeptide(L)'
_entity_poly.pdbx_seq_one_letter_code
;MRCVGVGNRDFVEGLSGATWVDVVLEHGGCVTTMAKNKPTLDIELQKTEATQLATLRKLCIEGKITNITTDSRCPTQGEA
ILPEEQDQNYVCKHTYVDRGWGNGCGLFGKGSLVTCAKFQCLESIEGKIVQHENLKYTVIITVHTGDQHQVGNETQGVTA
EITSQASTAEAILPEYGTLGLECSPRTGLDFNEMILLTMKDKAWMVHRQWFFDLPLPWTSGATTKTPTWNRKELLVTFKN
AHAKKQEVVVLGSQEGAMHTALTGATEIQTSGGTSIFAGHLKCRLKMDKLKLKGMSYAMCLNTFVLKKEVSETQHGTILI
KVEYKGEDAPCKIPFSTEDGQGKAHNGRLITANPVVTKKEEPVNIEAEPPFGESNIVIGIGDKALKINWYRK
;
_entity_poly.pdbx_strand_id   A,B
#
loop_
_chem_comp.id
_chem_comp.type
_chem_comp.name
_chem_comp.formula
BMA D-saccharide, beta linking beta-D-mannopyranose 'C6 H12 O6'
FUL L-saccharide, beta linking beta-L-fucopyranose 'C6 H12 O5'
MAN D-saccharide, alpha linking alpha-D-mannopyranose 'C6 H12 O6'
NAG D-saccharide, beta linking 2-acetamido-2-deoxy-beta-D-glucopyranose 'C8 H15 N O6'
#
# COMPACT_ATOMS: atom_id res chain seq x y z
N MET A 1 -35.47 -23.59 19.27
CA MET A 1 -35.99 -22.21 19.49
C MET A 1 -34.88 -21.18 19.21
N ARG A 2 -33.87 -21.57 18.46
CA ARG A 2 -32.79 -20.67 18.13
C ARG A 2 -33.37 -19.35 17.63
N CYS A 3 -34.21 -19.43 16.60
CA CYS A 3 -34.80 -18.23 16.00
C CYS A 3 -35.26 -17.19 17.01
N VAL A 4 -35.74 -17.65 18.16
CA VAL A 4 -36.24 -16.75 19.20
C VAL A 4 -35.24 -15.69 19.62
N GLY A 5 -35.45 -14.48 19.10
CA GLY A 5 -34.58 -13.36 19.39
C GLY A 5 -33.88 -12.87 18.16
N VAL A 6 -34.20 -13.45 17.01
CA VAL A 6 -33.59 -13.03 15.76
C VAL A 6 -34.41 -11.95 15.07
N GLY A 7 -33.77 -10.81 14.77
CA GLY A 7 -34.45 -9.71 14.10
C GLY A 7 -35.23 -10.15 12.87
N ASN A 8 -34.51 -10.55 11.82
CA ASN A 8 -35.14 -11.03 10.58
C ASN A 8 -35.61 -12.48 10.75
N ARG A 9 -36.84 -12.65 11.25
CA ARG A 9 -37.41 -13.97 11.48
C ARG A 9 -38.69 -14.17 10.65
N ASP A 10 -38.82 -15.34 10.03
CA ASP A 10 -39.95 -15.64 9.16
C ASP A 10 -40.80 -16.82 9.62
N PHE A 11 -42.09 -16.57 9.80
CA PHE A 11 -43.01 -17.60 10.25
C PHE A 11 -43.71 -18.22 9.06
N VAL A 12 -43.37 -19.46 8.75
CA VAL A 12 -43.97 -20.17 7.61
C VAL A 12 -45.09 -21.11 8.05
N GLU A 13 -46.28 -20.89 7.52
CA GLU A 13 -47.43 -21.67 7.93
C GLU A 13 -47.62 -22.96 7.18
N GLY A 14 -48.24 -23.94 7.81
CA GLY A 14 -48.35 -25.27 7.25
C GLY A 14 -49.18 -25.53 6.01
N LEU A 15 -50.15 -24.66 5.70
CA LEU A 15 -51.03 -24.85 4.52
C LEU A 15 -51.92 -26.10 4.73
N SER A 16 -52.85 -25.97 5.67
CA SER A 16 -53.69 -27.09 6.05
C SER A 16 -54.19 -27.90 4.85
N GLY A 17 -53.70 -29.14 4.75
CA GLY A 17 -54.10 -30.01 3.67
C GLY A 17 -53.07 -31.11 3.49
N ALA A 18 -51.90 -30.71 3.01
CA ALA A 18 -50.80 -31.63 2.75
C ALA A 18 -49.63 -31.49 3.73
N THR A 19 -48.53 -32.18 3.43
CA THR A 19 -47.36 -32.19 4.31
C THR A 19 -46.30 -31.13 3.99
N TRP A 20 -45.66 -31.23 2.82
CA TRP A 20 -44.55 -30.36 2.41
C TRP A 20 -44.72 -28.88 2.74
N VAL A 21 -43.59 -28.21 3.01
CA VAL A 21 -43.53 -26.78 3.32
C VAL A 21 -42.27 -26.18 2.71
N ASP A 22 -42.43 -25.36 1.66
CA ASP A 22 -41.29 -24.70 1.06
C ASP A 22 -40.90 -23.50 1.90
N VAL A 23 -39.59 -23.26 2.00
CA VAL A 23 -39.08 -22.15 2.80
C VAL A 23 -38.03 -21.40 2.01
N VAL A 24 -37.40 -20.43 2.64
CA VAL A 24 -36.37 -19.64 1.98
C VAL A 24 -35.36 -19.25 3.04
N LEU A 25 -34.26 -20.00 3.08
CA LEU A 25 -33.22 -19.82 4.09
C LEU A 25 -32.13 -18.88 3.62
N GLU A 26 -31.81 -17.87 4.43
CA GLU A 26 -30.83 -16.87 4.05
C GLU A 26 -29.91 -16.40 5.17
N HIS A 27 -28.69 -15.99 4.82
CA HIS A 27 -27.77 -15.43 5.79
C HIS A 27 -28.51 -14.31 6.50
N GLY A 28 -28.19 -14.12 7.78
CA GLY A 28 -28.85 -13.11 8.58
C GLY A 28 -30.30 -13.44 8.87
N GLY A 29 -30.78 -14.55 8.31
CA GLY A 29 -32.15 -14.96 8.50
C GLY A 29 -32.37 -16.16 9.41
N CYS A 30 -33.64 -16.45 9.69
CA CYS A 30 -34.04 -17.57 10.52
C CYS A 30 -35.49 -17.80 10.22
N VAL A 31 -35.91 -19.05 10.20
CA VAL A 31 -37.31 -19.35 9.93
C VAL A 31 -37.85 -20.37 10.91
N THR A 32 -38.98 -20.03 11.54
CA THR A 32 -39.71 -20.93 12.40
C THR A 32 -40.80 -21.47 11.49
N THR A 33 -40.92 -22.79 11.43
CA THR A 33 -41.97 -23.39 10.62
C THR A 33 -42.85 -24.20 11.54
N MET A 34 -44.10 -24.39 11.12
CA MET A 34 -45.06 -25.12 11.92
C MET A 34 -46.19 -25.67 11.07
N ALA A 35 -46.67 -26.84 11.47
CA ALA A 35 -47.78 -27.47 10.78
C ALA A 35 -48.70 -28.21 11.75
N LYS A 36 -49.77 -28.78 11.22
CA LYS A 36 -50.77 -29.49 12.02
C LYS A 36 -50.25 -30.81 12.54
N ASN A 37 -50.20 -30.92 13.87
CA ASN A 37 -49.72 -32.11 14.54
C ASN A 37 -48.24 -32.35 14.22
N LYS A 38 -47.57 -31.27 13.86
CA LYS A 38 -46.15 -31.30 13.52
C LYS A 38 -45.38 -30.33 14.41
N PRO A 39 -44.19 -30.74 14.81
CA PRO A 39 -43.31 -29.91 15.67
C PRO A 39 -43.03 -28.60 14.99
N THR A 40 -42.57 -27.63 15.77
CA THR A 40 -42.24 -26.34 15.23
C THR A 40 -40.72 -26.29 15.07
N LEU A 41 -40.25 -26.29 13.83
CA LEU A 41 -38.82 -26.28 13.57
C LEU A 41 -38.28 -24.86 13.46
N ASP A 42 -36.97 -24.72 13.61
CA ASP A 42 -36.28 -23.43 13.46
C ASP A 42 -35.13 -23.61 12.50
N ILE A 43 -35.43 -23.55 11.20
CA ILE A 43 -34.40 -23.74 10.21
C ILE A 43 -33.67 -22.45 9.99
N GLU A 44 -32.36 -22.56 9.93
CA GLU A 44 -31.48 -21.43 9.72
C GLU A 44 -30.39 -21.96 8.80
N LEU A 45 -29.76 -21.08 8.03
CA LEU A 45 -28.67 -21.47 7.15
C LEU A 45 -27.39 -20.91 7.70
N GLN A 46 -26.55 -21.77 8.26
CA GLN A 46 -25.31 -21.39 8.93
C GLN A 46 -24.27 -20.76 8.03
N LYS A 47 -23.60 -21.59 7.25
CA LYS A 47 -22.52 -21.15 6.37
C LYS A 47 -22.71 -21.65 4.94
N THR A 48 -22.03 -21.00 4.02
CA THR A 48 -22.12 -21.32 2.62
C THR A 48 -20.71 -21.60 2.06
N GLU A 49 -19.92 -22.35 2.82
CA GLU A 49 -18.53 -22.68 2.49
C GLU A 49 -18.29 -23.36 1.14
N ALA A 50 -17.38 -22.80 0.35
CA ALA A 50 -17.00 -23.37 -0.94
C ALA A 50 -15.89 -24.38 -0.69
N THR A 51 -16.12 -25.62 -1.08
CA THR A 51 -15.20 -26.71 -0.77
C THR A 51 -13.78 -26.51 -1.31
N GLN A 52 -13.45 -27.11 -2.45
CA GLN A 52 -12.09 -26.96 -2.96
C GLN A 52 -11.97 -26.13 -4.23
N LEU A 53 -11.06 -25.17 -4.15
CA LEU A 53 -10.82 -24.20 -5.22
C LEU A 53 -9.50 -24.41 -5.91
N ALA A 54 -9.32 -23.76 -7.05
CA ALA A 54 -8.08 -23.84 -7.80
C ALA A 54 -7.65 -22.41 -8.06
N THR A 55 -6.38 -22.10 -7.77
CA THR A 55 -5.85 -20.76 -8.01
C THR A 55 -5.43 -20.60 -9.46
N LEU A 56 -6.10 -19.69 -10.16
CA LEU A 56 -5.81 -19.48 -11.57
C LEU A 56 -4.49 -18.76 -11.75
N ARG A 57 -4.44 -17.51 -11.32
CA ARG A 57 -3.24 -16.70 -11.40
C ARG A 57 -2.90 -16.22 -10.01
N LYS A 58 -1.83 -15.44 -9.86
CA LYS A 58 -1.43 -14.96 -8.56
C LYS A 58 -0.63 -13.69 -8.69
N LEU A 59 -1.24 -12.55 -8.39
CA LEU A 59 -0.57 -11.27 -8.50
C LEU A 59 0.28 -10.98 -7.28
N CYS A 60 1.32 -10.14 -7.46
CA CYS A 60 2.21 -9.73 -6.37
C CYS A 60 1.98 -8.27 -6.04
N ILE A 61 1.82 -7.97 -4.74
CA ILE A 61 1.56 -6.59 -4.32
C ILE A 61 2.69 -5.89 -3.55
N GLU A 62 3.75 -6.61 -3.23
CA GLU A 62 4.85 -5.99 -2.53
C GLU A 62 6.12 -6.63 -2.98
N GLY A 63 7.04 -5.83 -3.49
CA GLY A 63 8.30 -6.34 -3.98
C GLY A 63 9.49 -5.86 -3.18
N LYS A 64 10.47 -6.75 -3.05
CA LYS A 64 11.72 -6.50 -2.34
C LYS A 64 12.89 -6.87 -3.25
N ILE A 65 13.74 -5.90 -3.55
CA ILE A 65 14.86 -6.12 -4.44
C ILE A 65 16.09 -6.56 -3.65
N THR A 66 16.94 -7.36 -4.29
CA THR A 66 18.13 -7.90 -3.63
C THR A 66 19.27 -8.24 -4.62
N ASN A 67 20.48 -8.50 -4.12
CA ASN A 67 21.66 -8.84 -4.95
C ASN A 67 21.76 -8.07 -6.28
N ILE A 68 22.04 -6.78 -6.20
CA ILE A 68 22.14 -5.96 -7.40
C ILE A 68 23.49 -6.08 -8.10
N THR A 69 23.48 -6.58 -9.34
CA THR A 69 24.69 -6.78 -10.12
C THR A 69 24.64 -5.99 -11.42
N THR A 70 25.83 -5.61 -11.92
CA THR A 70 25.94 -4.81 -13.16
C THR A 70 27.25 -5.02 -13.95
N ASP A 71 27.22 -4.53 -15.20
CA ASP A 71 28.35 -4.66 -16.12
C ASP A 71 28.27 -3.56 -17.19
N SER A 72 29.40 -2.89 -17.46
CA SER A 72 29.42 -1.79 -18.43
C SER A 72 30.71 -1.74 -19.25
N ARG A 73 30.55 -1.77 -20.57
CA ARG A 73 31.68 -1.70 -21.49
C ARG A 73 31.90 -0.26 -21.92
N CYS A 74 33.02 0.00 -22.60
CA CYS A 74 33.37 1.33 -23.11
C CYS A 74 32.51 1.72 -24.33
N PRO A 75 32.76 2.88 -24.94
CA PRO A 75 32.04 3.19 -26.19
C PRO A 75 32.57 2.33 -27.34
N THR A 76 31.79 2.24 -28.41
CA THR A 76 32.15 1.46 -29.61
C THR A 76 32.65 0.06 -29.29
N GLN A 77 32.04 -0.57 -28.29
CA GLN A 77 32.40 -1.91 -27.85
C GLN A 77 31.15 -2.70 -27.49
N GLY A 78 30.04 -2.35 -28.12
CA GLY A 78 28.77 -3.02 -27.90
C GLY A 78 28.24 -2.92 -26.48
N GLU A 79 26.96 -3.27 -26.33
CA GLU A 79 26.31 -3.30 -25.03
C GLU A 79 27.03 -4.23 -24.08
N ALA A 80 26.73 -4.12 -22.79
CA ALA A 80 27.31 -5.02 -21.79
C ALA A 80 26.33 -6.15 -21.57
N ILE A 81 26.79 -7.24 -20.97
CA ILE A 81 25.90 -8.35 -20.69
C ILE A 81 26.21 -9.07 -19.38
N LEU A 82 25.13 -9.58 -18.79
CA LEU A 82 25.16 -10.34 -17.54
C LEU A 82 24.39 -11.63 -17.75
N PRO A 83 24.80 -12.71 -17.06
CA PRO A 83 24.09 -13.98 -17.15
C PRO A 83 22.69 -13.86 -16.52
N GLU A 84 22.53 -12.82 -15.71
CA GLU A 84 21.28 -12.55 -15.02
C GLU A 84 20.20 -12.12 -16.00
N GLU A 85 20.60 -11.52 -17.13
CA GLU A 85 19.62 -11.07 -18.13
C GLU A 85 18.71 -12.22 -18.57
N GLN A 86 19.25 -13.44 -18.48
CA GLN A 86 18.54 -14.65 -18.86
C GLN A 86 17.76 -15.23 -17.69
N ASP A 87 18.08 -14.78 -16.48
CA ASP A 87 17.38 -15.23 -15.29
C ASP A 87 16.03 -14.55 -15.22
N GLN A 88 15.06 -15.24 -14.65
CA GLN A 88 13.72 -14.69 -14.56
C GLN A 88 13.56 -14.02 -13.21
N ASN A 89 14.45 -14.37 -12.29
CA ASN A 89 14.47 -13.75 -10.97
C ASN A 89 14.99 -12.32 -11.08
N TYR A 90 15.74 -12.03 -12.13
CA TYR A 90 16.31 -10.70 -12.27
C TYR A 90 15.59 -9.86 -13.31
N VAL A 91 15.34 -8.61 -12.95
CA VAL A 91 14.77 -7.64 -13.88
C VAL A 91 15.92 -6.72 -14.24
N CYS A 92 16.13 -6.50 -15.54
CA CYS A 92 17.26 -5.72 -15.98
C CYS A 92 16.95 -4.73 -17.09
N LYS A 93 17.68 -3.62 -17.08
CA LYS A 93 17.53 -2.59 -18.10
C LYS A 93 18.90 -2.05 -18.53
N HIS A 94 19.04 -1.86 -19.84
CA HIS A 94 20.26 -1.31 -20.41
C HIS A 94 20.12 0.21 -20.48
N THR A 95 21.25 0.90 -20.47
CA THR A 95 21.27 2.37 -20.59
C THR A 95 22.69 2.89 -20.84
N TYR A 96 22.82 4.18 -21.12
CA TYR A 96 24.11 4.74 -21.52
C TYR A 96 24.69 5.81 -20.60
N VAL A 97 25.93 5.61 -20.17
CA VAL A 97 26.58 6.56 -19.27
C VAL A 97 27.89 7.15 -19.82
N ASP A 98 28.15 8.43 -19.53
CA ASP A 98 29.39 9.09 -19.95
C ASP A 98 30.59 8.28 -19.52
N ARG A 99 31.55 8.13 -20.42
CA ARG A 99 32.77 7.38 -20.12
C ARG A 99 33.97 8.17 -20.59
N GLY A 100 35.06 8.10 -19.82
CA GLY A 100 36.26 8.81 -20.18
C GLY A 100 37.47 8.20 -19.52
N TRP A 101 38.58 8.92 -19.55
CA TRP A 101 39.79 8.44 -18.92
C TRP A 101 39.46 8.25 -17.45
N GLY A 102 38.92 9.29 -16.84
CA GLY A 102 38.55 9.26 -15.43
C GLY A 102 37.98 7.95 -14.93
N ASN A 103 36.83 7.55 -15.47
CA ASN A 103 36.16 6.33 -15.02
C ASN A 103 36.56 5.04 -15.72
N GLY A 104 37.81 4.98 -16.20
CA GLY A 104 38.37 3.74 -16.74
C GLY A 104 38.25 3.35 -18.22
N CYS A 105 37.93 4.29 -19.11
CA CYS A 105 37.84 3.98 -20.53
C CYS A 105 38.56 4.99 -21.39
N GLY A 106 39.76 4.63 -21.83
CA GLY A 106 40.62 5.50 -22.63
C GLY A 106 39.95 6.27 -23.75
N LEU A 107 38.77 5.82 -24.19
CA LEU A 107 38.03 6.50 -25.24
C LEU A 107 36.86 7.29 -24.63
N PHE A 108 36.55 8.45 -25.22
CA PHE A 108 35.46 9.32 -24.76
C PHE A 108 34.20 9.15 -25.60
N GLY A 109 33.04 9.09 -24.94
CA GLY A 109 31.78 8.90 -25.62
C GLY A 109 30.79 8.26 -24.68
N LYS A 110 29.60 7.91 -25.18
CA LYS A 110 28.58 7.30 -24.32
C LYS A 110 28.78 5.80 -24.21
N GLY A 111 29.02 5.34 -22.99
CA GLY A 111 29.23 3.91 -22.76
C GLY A 111 27.95 3.12 -22.60
N SER A 112 28.08 1.81 -22.68
CA SER A 112 26.96 0.89 -22.55
C SER A 112 26.91 0.40 -21.11
N LEU A 113 25.71 0.09 -20.62
CA LEU A 113 25.56 -0.36 -19.23
C LEU A 113 24.25 -1.06 -18.97
N VAL A 114 24.35 -2.21 -18.30
CA VAL A 114 23.21 -2.99 -17.88
C VAL A 114 23.28 -3.25 -16.38
N THR A 115 22.13 -3.12 -15.74
CA THR A 115 22.06 -3.39 -14.31
C THR A 115 20.95 -4.42 -14.13
N CYS A 116 21.06 -5.23 -13.08
CA CYS A 116 20.05 -6.26 -12.77
C CYS A 116 19.70 -6.24 -11.29
N ALA A 117 18.59 -6.89 -10.95
CA ALA A 117 18.14 -6.92 -9.55
C ALA A 117 17.23 -8.12 -9.22
N LYS A 118 17.70 -8.97 -8.31
CA LYS A 118 16.92 -10.13 -7.90
C LYS A 118 15.65 -9.68 -7.18
N PHE A 119 14.53 -9.84 -7.88
CA PHE A 119 13.20 -9.51 -7.39
C PHE A 119 12.67 -10.68 -6.55
N GLN A 120 12.04 -10.34 -5.43
CA GLN A 120 11.45 -11.33 -4.53
C GLN A 120 10.14 -10.76 -4.00
N CYS A 121 9.04 -11.51 -4.15
CA CYS A 121 7.75 -11.03 -3.66
C CYS A 121 7.49 -11.37 -2.19
N LEU A 122 7.10 -10.34 -1.45
CA LEU A 122 6.76 -10.49 -0.03
C LEU A 122 5.31 -10.93 0.11
N GLU A 123 4.37 -9.99 -0.09
CA GLU A 123 2.95 -10.32 -0.02
C GLU A 123 2.33 -10.35 -1.40
N SER A 124 1.44 -11.31 -1.64
CA SER A 124 0.80 -11.49 -2.94
C SER A 124 -0.67 -11.89 -2.86
N ILE A 125 -1.40 -11.51 -3.89
CA ILE A 125 -2.83 -11.79 -4.01
C ILE A 125 -3.07 -13.16 -4.65
N GLU A 126 -4.23 -13.75 -4.40
CA GLU A 126 -4.58 -15.00 -5.05
C GLU A 126 -5.92 -14.85 -5.74
N GLY A 127 -5.98 -15.12 -7.02
CA GLY A 127 -7.23 -15.05 -7.74
C GLY A 127 -7.72 -16.46 -7.99
N LYS A 128 -8.77 -16.84 -7.29
CA LYS A 128 -9.28 -18.20 -7.46
C LYS A 128 -10.49 -18.21 -8.37
N ILE A 129 -10.95 -19.41 -8.72
CA ILE A 129 -12.12 -19.55 -9.56
C ILE A 129 -13.06 -20.65 -9.05
N VAL A 130 -14.20 -20.21 -8.53
CA VAL A 130 -15.24 -21.08 -8.01
C VAL A 130 -16.38 -21.16 -8.98
N GLN A 131 -17.08 -22.29 -8.98
CA GLN A 131 -18.28 -22.46 -9.81
C GLN A 131 -19.35 -23.18 -9.00
N HIS A 132 -20.58 -22.68 -9.10
CA HIS A 132 -21.69 -23.24 -8.38
C HIS A 132 -21.42 -24.64 -7.83
N GLU A 133 -21.54 -25.67 -8.66
CA GLU A 133 -21.37 -27.05 -8.19
C GLU A 133 -19.96 -27.31 -7.61
N ASN A 134 -19.75 -26.68 -6.45
CA ASN A 134 -18.49 -26.66 -5.72
C ASN A 134 -18.75 -26.55 -4.22
N LEU A 135 -19.88 -25.96 -3.86
CA LEU A 135 -20.18 -25.58 -2.46
C LEU A 135 -21.20 -26.36 -1.63
N LYS A 136 -21.00 -26.30 -0.32
CA LYS A 136 -21.83 -27.03 0.64
C LYS A 136 -22.46 -26.11 1.70
N TYR A 137 -23.76 -25.86 1.57
CA TYR A 137 -24.51 -25.03 2.53
C TYR A 137 -24.78 -25.86 3.76
N THR A 138 -24.75 -25.24 4.93
CA THR A 138 -25.00 -26.02 6.14
C THR A 138 -26.18 -25.49 6.94
N VAL A 139 -27.27 -26.22 6.86
CA VAL A 139 -28.48 -25.85 7.57
C VAL A 139 -28.50 -26.41 8.97
N ILE A 140 -28.92 -25.56 9.91
CA ILE A 140 -29.03 -25.96 11.30
C ILE A 140 -30.52 -25.91 11.65
N ILE A 141 -31.06 -27.06 12.04
CA ILE A 141 -32.49 -27.19 12.33
C ILE A 141 -32.75 -27.47 13.81
N THR A 142 -33.15 -26.47 14.57
CA THR A 142 -33.50 -26.76 15.95
C THR A 142 -35.01 -26.82 16.12
N VAL A 143 -35.47 -27.96 16.61
CA VAL A 143 -36.87 -28.22 16.89
C VAL A 143 -37.25 -27.57 18.19
N HIS A 144 -38.50 -27.12 18.29
CA HIS A 144 -39.04 -26.50 19.50
C HIS A 144 -39.35 -27.52 20.58
N THR A 145 -38.33 -27.95 21.32
CA THR A 145 -38.50 -28.92 22.40
C THR A 145 -39.22 -28.28 23.59
N GLY A 146 -38.83 -27.04 23.88
CA GLY A 146 -39.40 -26.33 25.01
C GLY A 146 -38.41 -26.45 26.14
N ASP A 147 -37.24 -26.97 25.80
CA ASP A 147 -36.22 -27.21 26.80
C ASP A 147 -35.76 -25.99 27.60
N GLN A 148 -35.41 -26.23 28.86
CA GLN A 148 -34.99 -25.21 29.81
C GLN A 148 -34.14 -24.06 29.29
N HIS A 149 -33.12 -24.37 28.49
CA HIS A 149 -32.19 -23.35 28.04
C HIS A 149 -32.34 -22.99 26.56
N GLN A 150 -32.92 -23.92 25.80
CA GLN A 150 -33.12 -23.81 24.35
C GLN A 150 -33.58 -22.46 23.77
N VAL A 151 -34.01 -21.53 24.63
CA VAL A 151 -34.50 -20.26 24.14
C VAL A 151 -33.45 -19.38 23.47
N GLY A 152 -33.31 -19.56 22.16
CA GLY A 152 -32.37 -18.77 21.39
C GLY A 152 -30.94 -19.21 21.56
N ASN A 153 -30.73 -20.51 21.73
CA ASN A 153 -29.38 -21.01 21.87
C ASN A 153 -28.93 -21.52 20.52
N GLU A 154 -27.94 -20.88 19.93
CA GLU A 154 -27.49 -21.30 18.60
C GLU A 154 -26.55 -22.49 18.66
N THR A 155 -26.75 -23.35 19.65
CA THR A 155 -25.91 -24.53 19.82
C THR A 155 -26.67 -25.83 19.55
N GLN A 156 -27.84 -25.97 20.16
CA GLN A 156 -28.64 -27.21 20.15
C GLN A 156 -29.07 -27.83 18.82
N GLY A 157 -29.04 -27.06 17.74
CA GLY A 157 -29.49 -27.54 16.45
C GLY A 157 -29.06 -28.94 16.02
N VAL A 158 -29.72 -29.41 14.96
CA VAL A 158 -29.41 -30.69 14.33
C VAL A 158 -28.85 -30.35 12.95
N THR A 159 -27.54 -30.54 12.79
CA THR A 159 -26.83 -30.17 11.57
C THR A 159 -27.23 -30.93 10.30
N ALA A 160 -27.20 -30.24 9.17
CA ALA A 160 -27.48 -30.84 7.86
C ALA A 160 -26.73 -30.13 6.74
N GLU A 161 -25.99 -30.90 5.92
CA GLU A 161 -25.23 -30.36 4.79
C GLU A 161 -25.95 -30.63 3.48
N ILE A 162 -26.20 -29.58 2.71
CA ILE A 162 -26.89 -29.73 1.45
C ILE A 162 -26.06 -29.13 0.32
N THR A 163 -25.48 -30.00 -0.51
CA THR A 163 -24.67 -29.59 -1.65
C THR A 163 -25.50 -29.44 -2.93
N SER A 164 -24.95 -28.72 -3.88
CA SER A 164 -25.60 -28.49 -5.16
C SER A 164 -26.07 -29.78 -5.80
N GLN A 165 -25.22 -30.80 -5.82
CA GLN A 165 -25.63 -32.07 -6.40
C GLN A 165 -26.04 -33.12 -5.36
N ALA A 166 -26.01 -32.72 -4.09
CA ALA A 166 -26.54 -33.55 -3.01
C ALA A 166 -27.80 -32.79 -2.61
N SER A 167 -28.54 -32.37 -3.63
CA SER A 167 -29.73 -31.52 -3.55
C SER A 167 -30.75 -31.79 -2.43
N THR A 168 -31.03 -33.07 -2.18
CA THR A 168 -32.03 -33.44 -1.20
C THR A 168 -31.52 -34.52 -0.23
N ALA A 169 -31.44 -34.18 1.06
CA ALA A 169 -30.95 -35.09 2.10
C ALA A 169 -31.74 -34.89 3.39
N GLU A 170 -31.69 -35.89 4.29
CA GLU A 170 -32.49 -35.86 5.54
C GLU A 170 -31.75 -35.81 6.89
N ALA A 171 -32.40 -35.22 7.89
CA ALA A 171 -31.83 -35.09 9.23
C ALA A 171 -32.66 -35.79 10.31
N ILE A 172 -31.97 -36.48 11.23
CA ILE A 172 -32.63 -37.18 12.34
C ILE A 172 -32.74 -36.30 13.56
N LEU A 173 -33.94 -35.93 13.93
CA LEU A 173 -34.12 -35.13 15.13
C LEU A 173 -34.52 -36.09 16.24
N PRO A 174 -33.74 -36.13 17.32
CA PRO A 174 -34.00 -36.98 18.49
C PRO A 174 -35.40 -36.90 19.08
N GLU A 175 -36.11 -38.01 19.00
CA GLU A 175 -37.48 -38.15 19.51
C GLU A 175 -38.50 -37.38 18.68
N TYR A 176 -38.22 -37.21 17.39
CA TYR A 176 -39.15 -36.52 16.49
C TYR A 176 -39.18 -37.22 15.14
N GLY A 177 -38.11 -37.95 14.85
CA GLY A 177 -38.09 -38.68 13.61
C GLY A 177 -37.08 -38.19 12.62
N THR A 178 -37.55 -37.90 11.42
CA THR A 178 -36.66 -37.47 10.36
C THR A 178 -37.31 -36.44 9.44
N LEU A 179 -36.60 -35.32 9.26
CA LEU A 179 -37.06 -34.26 8.39
C LEU A 179 -36.33 -34.30 7.06
N GLY A 180 -37.08 -34.42 5.98
CA GLY A 180 -36.50 -34.41 4.65
C GLY A 180 -36.68 -33.06 3.99
N LEU A 181 -35.63 -32.61 3.31
CA LEU A 181 -35.67 -31.34 2.60
C LEU A 181 -35.24 -31.51 1.15
N GLU A 182 -35.90 -30.78 0.27
CA GLU A 182 -35.63 -30.82 -1.16
C GLU A 182 -35.09 -29.46 -1.60
N CYS A 183 -33.84 -29.15 -1.25
CA CYS A 183 -33.28 -27.83 -1.55
C CYS A 183 -32.78 -27.63 -2.96
N SER A 184 -32.91 -26.40 -3.45
CA SER A 184 -32.41 -26.02 -4.74
C SER A 184 -31.59 -24.71 -4.70
N PRO A 185 -30.28 -24.85 -4.43
CA PRO A 185 -29.32 -23.74 -4.39
C PRO A 185 -29.30 -22.86 -5.63
N ARG A 186 -29.72 -21.63 -5.43
CA ARG A 186 -29.74 -20.67 -6.51
C ARG A 186 -28.90 -19.52 -5.97
N THR A 187 -28.12 -18.87 -6.83
CA THR A 187 -27.29 -17.75 -6.41
C THR A 187 -27.24 -16.65 -7.47
N GLY A 188 -27.22 -15.40 -6.99
CA GLY A 188 -27.23 -14.24 -7.86
C GLY A 188 -25.87 -13.64 -8.16
N LEU A 189 -24.99 -14.46 -8.71
CA LEU A 189 -23.64 -14.08 -9.13
C LEU A 189 -23.26 -15.21 -10.05
N ASP A 190 -22.80 -14.87 -11.26
CA ASP A 190 -22.39 -15.88 -12.23
C ASP A 190 -20.95 -16.28 -11.93
N PHE A 191 -20.77 -17.41 -11.23
CA PHE A 191 -19.42 -17.90 -10.94
C PHE A 191 -18.74 -18.40 -12.21
N ASN A 192 -18.97 -17.69 -13.31
CA ASN A 192 -18.38 -18.03 -14.60
C ASN A 192 -17.78 -16.77 -15.19
N GLU A 193 -18.23 -15.64 -14.67
CA GLU A 193 -17.74 -14.35 -15.12
C GLU A 193 -17.06 -13.63 -13.97
N MET A 194 -16.74 -14.38 -12.92
CA MET A 194 -16.13 -13.78 -11.74
C MET A 194 -14.99 -14.61 -11.19
N ILE A 195 -14.04 -13.94 -10.57
CA ILE A 195 -12.92 -14.57 -9.91
C ILE A 195 -12.99 -14.13 -8.47
N LEU A 196 -12.78 -15.07 -7.55
CA LEU A 196 -12.73 -14.77 -6.13
C LEU A 196 -11.29 -14.49 -5.82
N LEU A 197 -11.01 -13.22 -5.57
CA LEU A 197 -9.66 -12.73 -5.34
C LEU A 197 -9.43 -12.61 -3.86
N THR A 198 -8.56 -13.45 -3.31
CA THR A 198 -8.23 -13.36 -1.91
C THR A 198 -7.15 -12.29 -1.76
N MET A 199 -6.76 -12.03 -0.51
CA MET A 199 -5.76 -11.05 -0.15
C MET A 199 -5.67 -11.04 1.37
N LYS A 200 -4.60 -11.63 1.89
CA LYS A 200 -4.41 -11.81 3.34
C LYS A 200 -5.66 -12.52 3.85
N ASP A 201 -6.19 -12.13 5.00
CA ASP A 201 -7.37 -12.82 5.49
C ASP A 201 -8.66 -12.38 4.81
N LYS A 202 -8.57 -11.46 3.87
CA LYS A 202 -9.76 -10.95 3.21
C LYS A 202 -10.02 -11.62 1.87
N ALA A 203 -11.14 -11.27 1.23
CA ALA A 203 -11.50 -11.84 -0.07
C ALA A 203 -12.73 -11.19 -0.69
N TRP A 204 -12.63 -10.89 -1.98
CA TRP A 204 -13.76 -10.32 -2.71
C TRP A 204 -14.06 -11.20 -3.90
N MET A 205 -14.90 -10.71 -4.79
CA MET A 205 -15.31 -11.46 -5.98
C MET A 205 -15.48 -10.49 -7.12
N VAL A 206 -14.54 -10.49 -8.07
CA VAL A 206 -14.60 -9.54 -9.18
C VAL A 206 -14.63 -10.20 -10.55
N HIS A 207 -14.72 -9.37 -11.60
CA HIS A 207 -14.75 -9.84 -12.99
C HIS A 207 -13.43 -10.43 -13.42
N ARG A 208 -13.49 -11.61 -14.04
CA ARG A 208 -12.28 -12.26 -14.54
C ARG A 208 -11.44 -11.23 -15.25
N GLN A 209 -12.00 -10.68 -16.32
CA GLN A 209 -11.34 -9.67 -17.15
C GLN A 209 -10.59 -8.64 -16.31
N TRP A 210 -11.33 -7.89 -15.51
CA TRP A 210 -10.75 -6.87 -14.63
C TRP A 210 -9.58 -7.46 -13.85
N PHE A 211 -9.84 -8.54 -13.13
CA PHE A 211 -8.82 -9.19 -12.32
C PHE A 211 -7.50 -9.32 -13.04
N PHE A 212 -7.55 -9.85 -14.26
CA PHE A 212 -6.37 -10.04 -15.09
C PHE A 212 -5.70 -8.73 -15.49
N ASP A 213 -6.53 -7.75 -15.87
CA ASP A 213 -6.08 -6.42 -16.29
C ASP A 213 -5.21 -5.69 -15.26
N LEU A 214 -5.37 -6.04 -13.98
CA LEU A 214 -4.64 -5.41 -12.87
C LEU A 214 -3.13 -5.30 -13.10
N PRO A 215 -2.59 -4.09 -12.99
CA PRO A 215 -1.15 -3.85 -13.16
C PRO A 215 -0.33 -4.54 -12.09
N LEU A 216 -0.21 -5.86 -12.16
CA LEU A 216 0.54 -6.60 -11.15
C LEU A 216 1.36 -7.78 -11.68
N PRO A 217 2.54 -7.97 -11.07
CA PRO A 217 3.43 -9.09 -11.41
C PRO A 217 2.77 -10.39 -11.03
N TRP A 218 2.59 -11.30 -11.98
CA TRP A 218 1.84 -12.53 -11.73
C TRP A 218 2.64 -13.84 -11.87
N THR A 219 2.04 -14.92 -11.40
CA THR A 219 2.61 -16.26 -11.54
C THR A 219 1.53 -17.33 -11.48
N SER A 220 0.99 -17.65 -12.65
CA SER A 220 -0.03 -18.67 -12.79
C SER A 220 0.00 -19.73 -11.67
N GLY A 221 -0.95 -19.56 -10.74
CA GLY A 221 -1.12 -20.42 -9.57
C GLY A 221 -0.46 -21.78 -9.43
N ALA A 222 0.20 -21.97 -8.28
CA ALA A 222 0.87 -23.22 -7.95
C ALA A 222 1.46 -23.17 -6.56
N THR A 223 1.38 -24.28 -5.84
CA THR A 223 1.88 -24.34 -4.46
C THR A 223 3.32 -24.87 -4.28
N THR A 224 3.87 -24.59 -3.10
CA THR A 224 5.23 -24.95 -2.69
C THR A 224 6.36 -24.18 -3.40
N LYS A 225 6.22 -22.85 -3.36
CA LYS A 225 7.30 -21.89 -3.65
C LYS A 225 7.97 -21.59 -4.99
N THR A 226 8.98 -20.69 -4.85
CA THR A 226 9.90 -20.20 -5.87
C THR A 226 9.43 -19.72 -7.27
N PRO A 227 8.44 -18.82 -7.31
CA PRO A 227 7.91 -18.28 -8.58
C PRO A 227 8.87 -17.67 -9.59
N THR A 228 8.32 -17.44 -10.77
CA THR A 228 9.00 -16.84 -11.91
C THR A 228 8.12 -15.63 -12.29
N TRP A 229 8.14 -14.62 -11.42
CA TRP A 229 7.25 -13.47 -11.54
C TRP A 229 7.28 -12.83 -12.93
N ASN A 230 6.11 -12.83 -13.58
CA ASN A 230 5.93 -12.28 -14.92
C ASN A 230 5.63 -10.79 -14.87
N ARG A 231 6.18 -10.04 -15.83
CA ARG A 231 6.02 -8.60 -15.90
C ARG A 231 6.33 -7.95 -14.55
N LYS A 232 7.60 -8.03 -14.14
CA LYS A 232 8.06 -7.47 -12.87
C LYS A 232 8.25 -5.97 -12.96
N GLU A 233 8.29 -5.46 -14.18
CA GLU A 233 8.48 -4.04 -14.46
C GLU A 233 7.36 -3.16 -13.89
N LEU A 234 6.26 -3.79 -13.49
CA LEU A 234 5.11 -3.04 -12.97
C LEU A 234 5.30 -2.72 -11.49
N LEU A 235 6.49 -3.01 -10.98
CA LEU A 235 6.78 -2.78 -9.58
C LEU A 235 8.21 -2.27 -9.44
N VAL A 236 9.03 -2.58 -10.44
CA VAL A 236 10.41 -2.16 -10.43
C VAL A 236 10.66 -1.07 -11.46
N THR A 237 11.33 -0.01 -11.03
CA THR A 237 11.65 1.10 -11.92
C THR A 237 13.14 1.43 -11.89
N PHE A 238 13.62 1.96 -13.02
CA PHE A 238 15.03 2.32 -13.15
C PHE A 238 15.25 3.75 -13.56
N LYS A 239 16.19 4.38 -12.87
CA LYS A 239 16.46 5.80 -13.07
C LYS A 239 17.90 6.06 -13.54
N ASN A 240 18.04 7.00 -14.47
CA ASN A 240 19.35 7.41 -14.94
C ASN A 240 19.25 8.61 -15.87
N ALA A 241 19.10 9.79 -15.27
CA ALA A 241 19.04 11.04 -16.02
C ALA A 241 20.46 11.60 -16.19
N HIS A 242 21.21 11.65 -15.09
CA HIS A 242 22.55 12.23 -15.08
C HIS A 242 23.63 11.38 -15.76
N ALA A 243 23.30 10.13 -16.10
CA ALA A 243 24.25 9.23 -16.75
C ALA A 243 25.54 9.06 -15.95
N LYS A 244 25.41 8.52 -14.75
CA LYS A 244 26.53 8.30 -13.83
C LYS A 244 26.42 6.86 -13.31
N LYS A 245 25.35 6.60 -12.56
CA LYS A 245 25.03 5.26 -12.06
C LYS A 245 23.53 5.06 -12.23
N GLN A 246 23.09 3.80 -12.27
CA GLN A 246 21.67 3.50 -12.40
C GLN A 246 21.06 3.04 -11.08
N GLU A 247 19.93 3.67 -10.72
CA GLU A 247 19.26 3.40 -9.46
C GLU A 247 18.10 2.41 -9.55
N VAL A 248 18.10 1.46 -8.62
CA VAL A 248 17.08 0.41 -8.53
C VAL A 248 16.00 0.84 -7.55
N VAL A 249 14.74 0.76 -7.94
CA VAL A 249 13.67 1.17 -7.04
C VAL A 249 12.31 0.43 -7.16
N VAL A 250 11.86 -0.13 -6.03
CA VAL A 250 10.59 -0.86 -5.96
C VAL A 250 9.42 0.11 -5.77
N LEU A 251 8.18 -0.39 -5.81
CA LEU A 251 7.02 0.51 -5.67
C LEU A 251 6.26 0.51 -4.33
N GLY A 252 6.61 -0.39 -3.41
CA GLY A 252 5.92 -0.39 -2.12
C GLY A 252 4.53 -1.03 -2.16
N SER A 253 4.00 -1.37 -0.99
CA SER A 253 2.79 -2.17 -0.95
C SER A 253 1.59 -1.56 -1.62
N GLN A 254 0.90 -2.39 -2.40
CA GLN A 254 -0.33 -2.01 -3.12
C GLN A 254 -1.59 -2.35 -2.30
N GLU A 255 -1.37 -2.92 -1.11
CA GLU A 255 -2.46 -3.31 -0.24
C GLU A 255 -3.50 -2.21 -0.33
N GLY A 256 -3.22 -1.10 0.35
CA GLY A 256 -4.17 0.01 0.37
C GLY A 256 -4.84 0.22 -0.96
N ALA A 257 -4.06 0.66 -1.97
CA ALA A 257 -4.60 0.92 -3.31
C ALA A 257 -5.54 -0.16 -3.83
N MET A 258 -5.27 -1.41 -3.47
CA MET A 258 -6.15 -2.48 -3.91
C MET A 258 -7.47 -2.39 -3.17
N HIS A 259 -7.41 -2.36 -1.84
CA HIS A 259 -8.61 -2.21 -1.02
C HIS A 259 -9.40 -1.07 -1.65
N THR A 260 -8.72 0.06 -1.76
CA THR A 260 -9.25 1.28 -2.34
C THR A 260 -9.96 1.04 -3.68
N ALA A 261 -9.39 0.15 -4.49
CA ALA A 261 -9.96 -0.16 -5.79
C ALA A 261 -11.10 -1.16 -5.68
N LEU A 262 -11.05 -1.99 -4.63
CA LEU A 262 -12.05 -3.02 -4.40
C LEU A 262 -13.31 -2.47 -3.69
N THR A 263 -13.72 -1.25 -4.04
CA THR A 263 -14.86 -0.62 -3.40
C THR A 263 -16.21 -1.29 -3.66
N GLY A 264 -16.67 -1.21 -4.91
CA GLY A 264 -17.97 -1.74 -5.25
C GLY A 264 -18.12 -3.23 -5.09
N ALA A 265 -17.02 -3.95 -5.25
CA ALA A 265 -17.03 -5.41 -5.16
C ALA A 265 -17.64 -5.87 -3.86
N THR A 266 -18.43 -6.94 -3.94
CA THR A 266 -19.08 -7.53 -2.78
C THR A 266 -18.04 -8.27 -1.97
N GLU A 267 -18.12 -8.14 -0.66
CA GLU A 267 -17.14 -8.82 0.18
C GLU A 267 -17.61 -10.21 0.57
N ILE A 268 -16.63 -11.01 0.99
CA ILE A 268 -16.84 -12.37 1.48
C ILE A 268 -15.88 -12.41 2.65
N GLN A 269 -16.33 -12.96 3.78
CA GLN A 269 -15.49 -12.99 4.97
C GLN A 269 -14.63 -14.26 5.10
N THR A 270 -13.60 -14.37 4.24
CA THR A 270 -12.71 -15.53 4.28
C THR A 270 -12.13 -15.70 5.68
N SER A 271 -12.56 -16.78 6.33
CA SER A 271 -12.13 -17.10 7.68
C SER A 271 -11.42 -18.45 7.74
N GLY A 272 -10.09 -18.38 7.67
CA GLY A 272 -9.26 -19.56 7.78
C GLY A 272 -9.48 -20.66 6.76
N GLY A 273 -9.79 -20.30 5.51
CA GLY A 273 -9.95 -21.29 4.46
C GLY A 273 -11.31 -21.34 3.80
N THR A 274 -12.35 -21.49 4.62
CA THR A 274 -13.71 -21.53 4.10
C THR A 274 -14.33 -20.13 4.12
N SER A 275 -15.35 -19.90 3.28
CA SER A 275 -15.88 -18.54 3.13
C SER A 275 -17.40 -18.37 3.12
N ILE A 276 -17.87 -17.15 3.38
CA ILE A 276 -19.31 -16.90 3.43
C ILE A 276 -19.83 -16.10 2.24
N PHE A 277 -20.80 -16.70 1.55
CA PHE A 277 -21.42 -16.10 0.37
C PHE A 277 -22.90 -15.84 0.56
N ALA A 278 -23.36 -14.68 0.06
CA ALA A 278 -24.78 -14.33 0.13
C ALA A 278 -25.55 -15.23 -0.82
N GLY A 279 -26.32 -16.17 -0.26
CA GLY A 279 -27.04 -17.12 -1.08
C GLY A 279 -28.43 -17.47 -0.61
N HIS A 280 -29.44 -16.79 -1.17
CA HIS A 280 -30.83 -17.03 -0.83
C HIS A 280 -31.29 -18.40 -1.32
N LEU A 281 -30.96 -19.43 -0.55
CA LEU A 281 -31.25 -20.83 -0.86
C LEU A 281 -32.72 -21.21 -0.57
N LYS A 282 -33.41 -21.76 -1.57
CA LYS A 282 -34.84 -22.10 -1.44
C LYS A 282 -35.10 -23.60 -1.31
N CYS A 283 -35.72 -24.01 -0.21
CA CYS A 283 -36.02 -25.42 0.00
C CYS A 283 -37.51 -25.72 0.02
N ARG A 284 -37.83 -26.96 0.43
CA ARG A 284 -39.19 -27.45 0.57
C ARG A 284 -39.00 -28.69 1.42
N LEU A 285 -39.52 -28.65 2.63
CA LEU A 285 -39.33 -29.73 3.57
C LEU A 285 -40.49 -30.72 3.51
N LYS A 286 -40.20 -31.99 3.76
CA LYS A 286 -41.24 -33.00 3.79
C LYS A 286 -41.52 -33.32 5.26
N MET A 287 -42.76 -33.08 5.70
CA MET A 287 -43.14 -33.30 7.10
C MET A 287 -43.55 -34.74 7.35
N ASP A 288 -43.60 -35.54 6.29
CA ASP A 288 -43.98 -36.95 6.37
C ASP A 288 -43.42 -37.69 7.58
N LYS A 289 -42.28 -38.36 7.37
CA LYS A 289 -41.61 -39.19 8.39
C LYS A 289 -41.07 -38.42 9.59
N LEU A 290 -41.65 -37.25 9.82
CA LEU A 290 -41.29 -36.42 10.95
C LEU A 290 -42.48 -36.55 11.90
N LYS A 291 -42.31 -37.32 12.97
CA LYS A 291 -43.38 -37.52 13.96
C LYS A 291 -43.34 -36.38 14.99
N LEU A 292 -44.19 -36.45 16.01
CA LEU A 292 -44.22 -35.44 17.06
C LEU A 292 -43.90 -36.07 18.41
N LYS A 293 -43.72 -35.25 19.44
CA LYS A 293 -43.37 -35.74 20.75
C LYS A 293 -44.55 -36.26 21.57
N GLY A 294 -45.00 -37.45 21.20
CA GLY A 294 -46.05 -38.16 21.91
C GLY A 294 -47.35 -37.44 22.16
N MET A 295 -48.39 -37.92 21.49
CA MET A 295 -49.76 -37.49 21.76
C MET A 295 -50.25 -38.51 22.78
N SER A 296 -49.40 -39.50 23.04
CA SER A 296 -49.66 -40.57 23.97
C SER A 296 -49.55 -40.12 25.43
N TYR A 297 -49.32 -38.82 25.65
CA TYR A 297 -49.22 -38.28 27.00
C TYR A 297 -50.60 -37.89 27.50
N ALA A 298 -50.75 -37.78 28.83
CA ALA A 298 -52.01 -37.37 29.43
C ALA A 298 -51.90 -35.89 29.79
N MET A 299 -53.01 -35.21 30.02
CA MET A 299 -52.94 -33.79 30.36
C MET A 299 -52.38 -33.61 31.78
N CYS A 300 -51.58 -32.57 31.99
CA CYS A 300 -51.06 -32.28 33.33
C CYS A 300 -52.24 -31.77 34.16
N LEU A 301 -52.35 -32.23 35.39
CA LEU A 301 -53.49 -31.90 36.26
C LEU A 301 -53.22 -30.91 37.40
N ASN A 302 -51.99 -30.42 37.53
CA ASN A 302 -51.67 -29.50 38.62
C ASN A 302 -51.42 -28.04 38.25
N THR A 303 -50.44 -27.42 38.89
CA THR A 303 -50.16 -26.01 38.66
C THR A 303 -48.83 -25.75 37.98
N PHE A 304 -48.79 -24.63 37.26
CA PHE A 304 -47.56 -24.16 36.63
C PHE A 304 -47.40 -22.73 37.19
N VAL A 305 -46.22 -22.41 37.70
CA VAL A 305 -46.01 -21.06 38.20
C VAL A 305 -44.99 -20.40 37.29
N LEU A 306 -45.35 -19.23 36.77
CA LEU A 306 -44.48 -18.50 35.86
C LEU A 306 -43.10 -18.34 36.48
N LYS A 307 -42.11 -19.00 35.90
CA LYS A 307 -40.76 -18.93 36.43
C LYS A 307 -40.02 -17.64 36.02
N LYS A 308 -40.24 -17.18 34.79
CA LYS A 308 -39.62 -15.94 34.30
C LYS A 308 -40.71 -15.05 33.75
N GLU A 309 -40.75 -13.77 34.14
CA GLU A 309 -41.78 -12.89 33.62
C GLU A 309 -41.83 -13.04 32.11
N VAL A 310 -43.04 -13.24 31.59
CA VAL A 310 -43.24 -13.43 30.16
C VAL A 310 -42.89 -12.16 29.39
N SER A 311 -42.37 -12.33 28.18
CA SER A 311 -42.01 -11.18 27.36
C SER A 311 -42.33 -11.33 25.88
N GLU A 312 -42.51 -10.17 25.26
CA GLU A 312 -42.88 -10.07 23.86
C GLU A 312 -41.64 -10.07 23.00
N THR A 313 -41.66 -10.83 21.92
CA THR A 313 -40.54 -10.92 20.99
C THR A 313 -40.67 -9.84 19.92
N GLN A 314 -39.64 -9.68 19.09
CA GLN A 314 -39.60 -8.64 18.06
C GLN A 314 -40.70 -8.72 16.99
N HIS A 315 -41.47 -9.80 16.97
CA HIS A 315 -42.45 -9.96 15.92
C HIS A 315 -43.90 -9.89 16.39
N GLY A 316 -44.15 -10.40 17.61
CA GLY A 316 -45.49 -10.37 18.14
C GLY A 316 -45.89 -11.64 18.86
N THR A 317 -44.89 -12.36 19.35
CA THR A 317 -45.18 -13.57 20.10
C THR A 317 -44.75 -13.38 21.56
N ILE A 318 -45.02 -14.39 22.39
CA ILE A 318 -44.65 -14.35 23.80
C ILE A 318 -43.90 -15.62 24.16
N LEU A 319 -43.01 -15.50 25.14
CA LEU A 319 -42.26 -16.64 25.62
C LEU A 319 -42.51 -16.93 27.09
N ILE A 320 -43.24 -18.02 27.30
CA ILE A 320 -43.64 -18.47 28.61
C ILE A 320 -42.68 -19.50 29.18
N LYS A 321 -42.22 -19.24 30.40
CA LYS A 321 -41.35 -20.17 31.11
C LYS A 321 -42.11 -20.54 32.38
N VAL A 322 -42.29 -21.83 32.62
CA VAL A 322 -43.02 -22.28 33.78
C VAL A 322 -42.46 -23.53 34.43
N GLU A 323 -42.63 -23.61 35.76
CA GLU A 323 -42.23 -24.79 36.51
C GLU A 323 -43.49 -25.52 36.92
N TYR A 324 -43.47 -26.85 36.77
CA TYR A 324 -44.62 -27.66 37.14
C TYR A 324 -44.45 -28.22 38.53
N LYS A 325 -45.25 -27.71 39.46
CA LYS A 325 -45.25 -28.16 40.85
C LYS A 325 -46.16 -29.37 40.93
N GLY A 326 -45.99 -30.30 39.98
CA GLY A 326 -46.81 -31.47 39.94
C GLY A 326 -46.07 -32.74 40.31
N GLU A 327 -46.59 -33.85 39.82
CA GLU A 327 -46.02 -35.17 40.08
C GLU A 327 -46.44 -36.08 38.94
N ASP A 328 -47.31 -35.54 38.08
CA ASP A 328 -47.87 -36.23 36.92
C ASP A 328 -46.81 -36.94 36.10
N ALA A 329 -45.59 -36.39 36.12
CA ALA A 329 -44.49 -36.87 35.27
C ALA A 329 -44.82 -36.49 33.82
N PRO A 330 -44.10 -37.04 32.84
CA PRO A 330 -44.44 -36.72 31.45
C PRO A 330 -45.93 -36.49 31.18
N CYS A 331 -46.27 -35.24 30.86
CA CYS A 331 -47.64 -34.84 30.53
C CYS A 331 -47.71 -33.57 29.66
N LYS A 332 -48.79 -33.45 28.90
CA LYS A 332 -49.05 -32.26 28.07
C LYS A 332 -49.27 -31.03 28.93
N ILE A 333 -49.23 -29.85 28.33
CA ILE A 333 -49.52 -28.64 29.09
C ILE A 333 -50.78 -27.94 28.53
N PRO A 334 -51.94 -28.21 29.15
CA PRO A 334 -53.23 -27.64 28.79
C PRO A 334 -53.11 -26.16 28.49
N PHE A 335 -53.17 -25.82 27.20
CA PHE A 335 -53.03 -24.44 26.78
C PHE A 335 -54.31 -23.84 26.24
N SER A 336 -54.98 -23.04 27.07
CA SER A 336 -56.25 -22.43 26.70
C SER A 336 -56.16 -20.92 26.53
N THR A 337 -56.50 -20.44 25.33
CA THR A 337 -56.43 -19.01 25.02
C THR A 337 -57.77 -18.28 25.22
N GLU A 338 -57.74 -17.25 26.06
CA GLU A 338 -58.93 -16.48 26.38
C GLU A 338 -59.00 -15.16 25.59
N ASP A 339 -60.18 -14.88 25.05
CA ASP A 339 -60.44 -13.64 24.31
C ASP A 339 -60.81 -12.51 25.27
N GLY A 340 -60.67 -12.77 26.57
CA GLY A 340 -60.99 -11.78 27.57
C GLY A 340 -62.08 -12.22 28.53
N GLN A 341 -62.76 -13.32 28.18
CA GLN A 341 -63.85 -13.87 29.01
C GLN A 341 -63.89 -15.40 28.97
N GLY A 342 -63.88 -15.96 27.76
CA GLY A 342 -63.95 -17.40 27.57
C GLY A 342 -65.10 -17.82 26.65
N LYS A 343 -65.02 -17.38 25.39
CA LYS A 343 -66.05 -17.67 24.39
C LYS A 343 -65.48 -18.23 23.09
N ALA A 344 -64.22 -17.93 22.78
CA ALA A 344 -63.60 -18.39 21.54
C ALA A 344 -62.06 -18.52 21.62
N HIS A 345 -61.43 -18.77 20.48
CA HIS A 345 -59.97 -18.83 20.36
C HIS A 345 -59.46 -17.80 19.34
N ASN A 346 -58.70 -16.82 19.81
CA ASN A 346 -58.14 -15.79 18.92
C ASN A 346 -56.66 -16.05 18.68
N GLY A 347 -56.01 -16.61 19.69
CA GLY A 347 -54.57 -16.87 19.61
C GLY A 347 -54.17 -18.32 19.57
N ARG A 348 -53.08 -18.57 18.85
CA ARG A 348 -52.55 -19.92 18.67
C ARG A 348 -51.35 -20.21 19.56
N LEU A 349 -50.70 -21.34 19.31
CA LEU A 349 -49.51 -21.73 20.01
C LEU A 349 -48.43 -22.04 18.99
N ILE A 350 -47.29 -21.38 19.10
CA ILE A 350 -46.17 -21.62 18.20
C ILE A 350 -45.46 -22.91 18.64
N THR A 351 -44.96 -22.91 19.87
CA THR A 351 -44.38 -24.12 20.43
C THR A 351 -45.48 -25.15 20.37
N ALA A 352 -45.38 -26.09 19.44
CA ALA A 352 -46.40 -27.12 19.29
C ALA A 352 -46.41 -28.12 20.43
N ASN A 353 -47.59 -28.58 20.83
CA ASN A 353 -47.70 -29.63 21.83
C ASN A 353 -46.80 -29.53 23.08
N PRO A 354 -46.71 -28.34 23.70
CA PRO A 354 -45.83 -28.19 24.88
C PRO A 354 -45.97 -29.27 25.93
N VAL A 355 -44.82 -29.82 26.33
CA VAL A 355 -44.73 -30.92 27.27
C VAL A 355 -43.75 -30.66 28.42
N VAL A 356 -44.04 -31.26 29.57
CA VAL A 356 -43.14 -31.23 30.71
C VAL A 356 -42.52 -32.62 30.75
N THR A 357 -41.20 -32.70 30.57
CA THR A 357 -40.50 -33.98 30.58
C THR A 357 -40.10 -34.39 31.99
N LYS A 358 -39.61 -33.42 32.77
CA LYS A 358 -39.24 -33.68 34.14
C LYS A 358 -39.81 -32.61 35.02
N LYS A 359 -40.34 -33.05 36.16
CA LYS A 359 -40.94 -32.16 37.14
C LYS A 359 -39.97 -31.04 37.53
N GLU A 360 -38.67 -31.34 37.45
CA GLU A 360 -37.66 -30.40 37.88
C GLU A 360 -36.96 -29.57 36.80
N GLU A 361 -37.46 -29.63 35.57
CA GLU A 361 -36.92 -28.82 34.49
C GLU A 361 -37.98 -27.87 33.96
N PRO A 362 -37.77 -26.55 34.11
CA PRO A 362 -38.71 -25.54 33.64
C PRO A 362 -39.03 -25.75 32.17
N VAL A 363 -40.19 -25.32 31.71
CA VAL A 363 -40.52 -25.47 30.29
C VAL A 363 -40.81 -24.12 29.65
N ASN A 364 -40.20 -23.89 28.49
CA ASN A 364 -40.42 -22.64 27.77
C ASN A 364 -41.36 -22.88 26.62
N ILE A 365 -42.40 -22.03 26.55
CA ILE A 365 -43.40 -22.09 25.48
C ILE A 365 -43.60 -20.72 24.83
N GLU A 366 -43.66 -20.71 23.50
CA GLU A 366 -43.90 -19.50 22.73
C GLU A 366 -45.26 -19.57 22.09
N ALA A 367 -46.09 -18.58 22.37
CA ALA A 367 -47.43 -18.53 21.79
C ALA A 367 -47.68 -17.21 21.08
N GLU A 368 -48.72 -17.15 20.27
CA GLU A 368 -49.07 -15.95 19.52
C GLU A 368 -50.45 -15.42 19.89
N PRO A 369 -50.53 -14.60 20.94
CA PRO A 369 -51.76 -13.97 21.40
C PRO A 369 -52.42 -13.04 20.41
N PRO A 370 -53.75 -12.91 20.56
CA PRO A 370 -54.68 -12.04 19.83
C PRO A 370 -54.32 -10.58 20.03
N PHE A 371 -54.99 -9.72 19.28
CA PHE A 371 -54.73 -8.30 19.36
C PHE A 371 -55.52 -7.63 20.48
N GLY A 372 -54.83 -6.79 21.22
CA GLY A 372 -55.41 -6.10 22.35
C GLY A 372 -55.39 -6.95 23.59
N GLU A 373 -56.45 -6.85 24.38
CA GLU A 373 -56.59 -7.61 25.62
C GLU A 373 -56.66 -9.11 25.30
N SER A 374 -56.04 -9.91 26.17
CA SER A 374 -56.04 -11.36 26.04
C SER A 374 -55.64 -11.98 27.36
N ASN A 375 -56.15 -13.17 27.62
CA ASN A 375 -55.85 -13.90 28.85
C ASN A 375 -55.42 -15.32 28.50
N ILE A 376 -54.40 -15.82 29.19
CA ILE A 376 -53.88 -17.16 28.93
C ILE A 376 -54.26 -18.11 30.08
N VAL A 377 -54.46 -19.39 29.76
CA VAL A 377 -54.80 -20.39 30.77
C VAL A 377 -53.96 -21.66 30.57
N ILE A 378 -52.79 -21.69 31.23
CA ILE A 378 -51.91 -22.84 31.22
C ILE A 378 -52.23 -23.69 32.44
N GLY A 379 -52.83 -24.86 32.22
CA GLY A 379 -53.16 -25.74 33.34
C GLY A 379 -54.63 -26.13 33.44
N ILE A 380 -55.03 -26.65 34.61
CA ILE A 380 -56.40 -27.14 34.80
C ILE A 380 -57.08 -26.79 36.15
N GLY A 381 -58.29 -26.23 36.08
CA GLY A 381 -59.14 -25.95 37.24
C GLY A 381 -58.57 -25.38 38.53
N ASP A 382 -57.81 -26.19 39.27
CA ASP A 382 -57.27 -25.77 40.55
C ASP A 382 -56.19 -24.69 40.44
N LYS A 383 -56.60 -23.45 40.70
CA LYS A 383 -55.71 -22.28 40.69
C LYS A 383 -54.89 -22.14 39.39
N ALA A 384 -55.29 -22.86 38.34
CA ALA A 384 -54.58 -22.84 37.06
C ALA A 384 -54.07 -21.44 36.70
N LEU A 385 -52.85 -21.39 36.16
CA LEU A 385 -52.17 -20.15 35.81
C LEU A 385 -52.90 -19.27 34.78
N LYS A 386 -53.00 -17.97 35.08
CA LYS A 386 -53.59 -17.00 34.14
C LYS A 386 -52.60 -15.86 33.86
N ILE A 387 -52.44 -15.48 32.59
CA ILE A 387 -51.58 -14.36 32.25
C ILE A 387 -52.35 -13.33 31.46
N ASN A 388 -52.65 -12.20 32.10
CA ASN A 388 -53.34 -11.14 31.37
C ASN A 388 -52.34 -10.52 30.43
N TRP A 389 -52.80 -10.23 29.22
CA TRP A 389 -51.92 -9.72 28.17
C TRP A 389 -52.59 -8.63 27.33
N TYR A 390 -51.81 -7.64 26.94
CA TYR A 390 -52.27 -6.54 26.10
C TYR A 390 -51.35 -6.48 24.89
N ARG A 391 -51.90 -6.69 23.70
CA ARG A 391 -51.10 -6.66 22.47
C ARG A 391 -51.40 -5.39 21.68
N LYS A 392 -50.49 -5.07 20.75
CA LYS A 392 -50.61 -3.87 19.91
C LYS A 392 -50.33 -2.63 20.75
N MET B 1 40.08 19.36 -13.95
CA MET B 1 39.52 18.88 -15.24
C MET B 1 38.35 17.93 -15.03
N ARG B 2 37.62 18.10 -13.93
CA ARG B 2 36.49 17.23 -13.65
C ARG B 2 35.55 17.16 -14.82
N CYS B 3 35.09 18.31 -15.28
CA CYS B 3 34.13 18.35 -16.36
C CYS B 3 34.52 17.50 -17.57
N VAL B 4 35.81 17.23 -17.72
CA VAL B 4 36.32 16.43 -18.84
C VAL B 4 35.69 15.04 -18.90
N GLY B 5 34.77 14.88 -19.85
CA GLY B 5 34.09 13.62 -20.02
C GLY B 5 32.67 13.70 -19.53
N VAL B 6 32.18 14.91 -19.33
CA VAL B 6 30.79 15.08 -18.90
C VAL B 6 29.93 15.43 -20.10
N GLY B 7 28.77 14.79 -20.19
CA GLY B 7 27.89 15.00 -21.33
C GLY B 7 27.55 16.47 -21.53
N ASN B 8 26.84 17.02 -20.55
CA ASN B 8 26.45 18.42 -20.57
C ASN B 8 27.60 19.26 -20.04
N ARG B 9 28.41 19.80 -20.96
CA ARG B 9 29.57 20.61 -20.61
C ARG B 9 29.55 21.92 -21.39
N ASP B 10 29.53 23.03 -20.64
CA ASP B 10 29.51 24.37 -21.21
C ASP B 10 30.88 25.03 -21.18
N PHE B 11 31.27 25.59 -22.32
CA PHE B 11 32.54 26.27 -22.43
C PHE B 11 32.29 27.76 -22.52
N VAL B 12 32.72 28.49 -21.49
CA VAL B 12 32.52 29.93 -21.43
C VAL B 12 33.80 30.69 -21.70
N GLU B 13 33.70 31.68 -22.58
CA GLU B 13 34.83 32.50 -23.02
C GLU B 13 35.06 33.74 -22.14
N GLY B 14 36.32 34.15 -22.00
CA GLY B 14 36.68 35.25 -21.12
C GLY B 14 36.27 36.67 -21.46
N LEU B 15 35.84 36.92 -22.70
CA LEU B 15 35.44 38.28 -23.12
C LEU B 15 36.62 39.24 -22.98
N SER B 16 37.53 39.16 -23.95
CA SER B 16 38.75 39.96 -23.93
C SER B 16 38.53 41.44 -23.64
N GLY B 17 38.88 41.83 -22.42
CA GLY B 17 38.74 43.21 -22.01
C GLY B 17 38.75 43.28 -20.50
N ALA B 18 37.68 42.77 -19.89
CA ALA B 18 37.51 42.82 -18.44
C ALA B 18 37.75 41.47 -17.75
N THR B 19 37.51 41.45 -16.43
CA THR B 19 37.76 40.26 -15.61
C THR B 19 36.55 39.34 -15.41
N TRP B 20 35.54 39.85 -14.70
CA TRP B 20 34.32 39.09 -14.40
C TRP B 20 33.85 38.18 -15.54
N VAL B 21 33.21 37.06 -15.16
CA VAL B 21 32.66 36.11 -16.13
C VAL B 21 31.40 35.46 -15.57
N ASP B 22 30.23 35.89 -16.04
CA ASP B 22 28.99 35.30 -15.53
C ASP B 22 28.74 33.88 -16.05
N VAL B 23 28.18 33.04 -15.19
CA VAL B 23 27.97 31.63 -15.48
C VAL B 23 26.53 31.18 -15.25
N VAL B 24 26.33 29.87 -15.39
CA VAL B 24 25.02 29.26 -15.20
C VAL B 24 25.25 27.81 -14.75
N LEU B 25 25.34 27.61 -13.44
CA LEU B 25 25.58 26.27 -12.90
C LEU B 25 24.26 25.55 -12.68
N GLU B 26 24.16 24.31 -13.16
CA GLU B 26 22.92 23.55 -13.06
C GLU B 26 23.20 22.07 -12.82
N HIS B 27 22.28 21.41 -12.12
CA HIS B 27 22.46 19.98 -11.86
C HIS B 27 22.62 19.18 -13.16
N GLY B 28 23.46 18.14 -13.10
CA GLY B 28 23.73 17.32 -14.27
C GLY B 28 24.58 18.08 -15.26
N GLY B 29 25.01 19.26 -14.84
CA GLY B 29 25.81 20.11 -15.70
C GLY B 29 27.19 20.34 -15.14
N CYS B 30 27.98 21.08 -15.90
CA CYS B 30 29.36 21.38 -15.54
C CYS B 30 29.71 22.54 -16.44
N VAL B 31 30.71 23.32 -16.06
CA VAL B 31 31.10 24.44 -16.90
C VAL B 31 32.60 24.74 -16.84
N THR B 32 33.27 24.63 -17.99
CA THR B 32 34.68 25.00 -18.05
C THR B 32 34.76 26.47 -18.38
N THR B 33 35.65 27.18 -17.71
CA THR B 33 35.81 28.59 -17.98
C THR B 33 37.27 28.92 -18.21
N MET B 34 37.51 29.93 -19.02
CA MET B 34 38.86 30.34 -19.29
C MET B 34 38.93 31.82 -19.62
N ALA B 35 40.08 32.41 -19.32
CA ALA B 35 40.29 33.81 -19.59
C ALA B 35 41.75 34.11 -19.88
N LYS B 36 41.98 35.31 -20.41
CA LYS B 36 43.30 35.78 -20.78
C LYS B 36 44.22 35.79 -19.58
N ASN B 37 45.32 35.05 -19.72
CA ASN B 37 46.31 34.92 -18.66
C ASN B 37 45.66 34.49 -17.33
N LYS B 38 44.54 33.77 -17.45
CA LYS B 38 43.82 33.21 -16.30
C LYS B 38 43.67 31.70 -16.49
N PRO B 39 43.85 30.94 -15.40
CA PRO B 39 43.70 29.48 -15.44
C PRO B 39 42.30 29.13 -15.95
N THR B 40 42.14 27.90 -16.43
CA THR B 40 40.86 27.42 -16.89
C THR B 40 40.21 26.75 -15.70
N LEU B 41 38.98 27.14 -15.38
CA LEU B 41 38.28 26.57 -14.23
C LEU B 41 37.14 25.64 -14.62
N ASP B 42 36.93 24.62 -13.79
CA ASP B 42 35.82 23.70 -13.95
C ASP B 42 34.92 23.84 -12.73
N ILE B 43 33.94 24.72 -12.89
CA ILE B 43 32.96 24.99 -11.85
C ILE B 43 31.74 24.13 -12.12
N GLU B 44 31.35 23.41 -11.07
CA GLU B 44 30.21 22.51 -11.07
C GLU B 44 29.39 22.90 -9.85
N LEU B 45 28.12 22.51 -9.87
CA LEU B 45 27.24 22.74 -8.73
C LEU B 45 26.83 21.39 -8.16
N GLN B 46 27.53 20.95 -7.10
CA GLN B 46 27.31 19.64 -6.47
C GLN B 46 25.88 19.39 -5.98
N LYS B 47 25.49 20.08 -4.92
CA LYS B 47 24.15 19.89 -4.35
C LYS B 47 23.41 21.17 -4.01
N THR B 48 22.11 21.01 -3.79
CA THR B 48 21.22 22.11 -3.47
C THR B 48 20.52 21.78 -2.15
N GLU B 49 21.27 21.22 -1.20
CA GLU B 49 20.73 20.81 0.10
C GLU B 49 20.05 21.93 0.86
N ALA B 50 18.80 21.71 1.27
CA ALA B 50 18.10 22.68 2.12
C ALA B 50 18.60 22.40 3.54
N THR B 51 18.85 23.46 4.31
CA THR B 51 19.41 23.31 5.66
C THR B 51 18.44 22.67 6.66
N GLN B 52 17.77 23.51 7.45
CA GLN B 52 16.77 23.01 8.38
C GLN B 52 15.39 23.39 7.87
N LEU B 53 14.45 22.46 8.03
CA LEU B 53 13.08 22.65 7.58
C LEU B 53 12.14 22.68 8.77
N ALA B 54 10.90 23.07 8.52
CA ALA B 54 9.89 23.06 9.57
C ALA B 54 8.76 22.17 9.10
N THR B 55 8.49 21.11 9.86
CA THR B 55 7.43 20.18 9.49
C THR B 55 6.05 20.75 9.89
N LEU B 56 5.17 20.85 8.90
CA LEU B 56 3.85 21.45 9.07
C LEU B 56 2.79 20.45 9.51
N ARG B 57 2.43 19.53 8.62
CA ARG B 57 1.45 18.51 8.93
C ARG B 57 2.12 17.14 8.86
N LYS B 58 1.39 16.07 9.11
CA LYS B 58 2.04 14.76 9.18
C LYS B 58 1.02 13.67 8.95
N LEU B 59 0.93 13.19 7.71
CA LEU B 59 -0.06 12.17 7.35
C LEU B 59 0.28 10.72 7.72
N CYS B 60 -0.75 9.90 7.99
CA CYS B 60 -0.56 8.49 8.31
C CYS B 60 -0.91 7.61 7.12
N ILE B 61 -0.01 6.70 6.75
CA ILE B 61 -0.31 5.81 5.64
C ILE B 61 -0.40 4.33 6.02
N GLU B 62 -0.20 4.00 7.30
CA GLU B 62 -0.26 2.61 7.75
C GLU B 62 -0.81 2.49 9.17
N GLY B 63 -2.08 2.11 9.29
CA GLY B 63 -2.69 2.00 10.61
C GLY B 63 -2.86 0.60 11.15
N LYS B 64 -2.62 0.43 12.45
CA LYS B 64 -2.71 -0.86 13.12
C LYS B 64 -3.61 -0.74 14.37
N ILE B 65 -4.69 -1.50 14.37
CA ILE B 65 -5.64 -1.51 15.48
C ILE B 65 -5.16 -2.40 16.61
N THR B 66 -5.41 -1.98 17.85
CA THR B 66 -5.07 -2.74 19.05
C THR B 66 -6.11 -2.56 20.14
N ASN B 67 -6.05 -3.40 21.17
CA ASN B 67 -6.96 -3.33 22.32
C ASN B 67 -8.41 -2.95 21.99
N ILE B 68 -9.16 -3.86 21.38
CA ILE B 68 -10.57 -3.60 21.10
C ILE B 68 -11.40 -3.91 22.35
N THR B 69 -12.11 -2.88 22.80
CA THR B 69 -12.99 -2.97 23.97
C THR B 69 -14.42 -2.67 23.56
N THR B 70 -15.39 -3.17 24.32
CA THR B 70 -16.79 -2.92 24.01
C THR B 70 -17.75 -3.05 25.20
N ASP B 71 -18.92 -2.43 25.06
CA ASP B 71 -19.96 -2.43 26.08
C ASP B 71 -21.32 -2.40 25.40
N SER B 72 -22.28 -3.13 25.95
CA SER B 72 -23.60 -3.18 25.34
C SER B 72 -24.76 -3.35 26.33
N ARG B 73 -25.68 -2.39 26.26
CA ARG B 73 -26.87 -2.35 27.11
C ARG B 73 -28.01 -3.11 26.42
N CYS B 74 -29.07 -3.37 27.18
CA CYS B 74 -30.28 -4.03 26.71
C CYS B 74 -31.22 -3.02 26.04
N PRO B 75 -32.42 -3.46 25.63
CA PRO B 75 -33.45 -2.56 25.09
C PRO B 75 -33.92 -1.50 26.11
N THR B 76 -34.47 -0.41 25.59
CA THR B 76 -35.02 0.68 26.41
C THR B 76 -34.14 1.08 27.59
N GLN B 77 -32.83 1.10 27.40
CA GLN B 77 -31.94 1.44 28.49
C GLN B 77 -30.77 2.29 28.04
N GLY B 78 -31.02 3.15 27.05
CA GLY B 78 -30.01 4.07 26.55
C GLY B 78 -28.79 3.44 25.91
N GLU B 79 -27.99 4.28 25.27
CA GLU B 79 -26.77 3.82 24.63
C GLU B 79 -25.80 3.34 25.70
N ALA B 80 -24.83 2.52 25.30
CA ALA B 80 -23.79 2.07 26.22
C ALA B 80 -22.73 3.15 26.21
N ILE B 81 -21.71 3.02 27.05
CA ILE B 81 -20.65 4.01 27.06
C ILE B 81 -19.35 3.41 27.55
N LEU B 82 -18.28 3.75 26.85
CA LEU B 82 -16.94 3.33 27.22
C LEU B 82 -16.13 4.59 27.46
N PRO B 83 -15.19 4.53 28.39
CA PRO B 83 -14.37 5.72 28.64
C PRO B 83 -13.45 5.98 27.46
N GLU B 84 -13.33 4.95 26.62
CA GLU B 84 -12.52 4.97 25.43
C GLU B 84 -13.11 5.88 24.37
N GLU B 85 -14.39 6.24 24.51
CA GLU B 85 -15.00 7.17 23.55
C GLU B 85 -14.44 8.56 23.72
N GLN B 86 -13.68 8.77 24.78
CA GLN B 86 -13.12 10.08 25.04
C GLN B 86 -11.61 10.13 24.80
N ASP B 87 -10.93 8.98 24.86
CA ASP B 87 -9.51 8.87 24.50
C ASP B 87 -9.43 9.24 23.03
N GLN B 88 -8.24 9.57 22.55
CA GLN B 88 -8.11 9.93 21.14
C GLN B 88 -7.37 8.83 20.39
N ASN B 89 -6.70 7.98 21.14
CA ASN B 89 -6.04 6.81 20.57
C ASN B 89 -7.11 5.84 20.13
N TYR B 90 -8.35 6.08 20.56
CA TYR B 90 -9.45 5.16 20.27
C TYR B 90 -10.50 5.71 19.32
N VAL B 91 -10.87 4.87 18.36
CA VAL B 91 -11.95 5.20 17.45
C VAL B 91 -13.10 4.30 17.88
N CYS B 92 -14.29 4.89 18.03
CA CYS B 92 -15.47 4.13 18.44
C CYS B 92 -16.69 4.50 17.60
N LYS B 93 -17.53 3.51 17.33
CA LYS B 93 -18.79 3.74 16.65
C LYS B 93 -19.87 2.90 17.36
N HIS B 94 -20.98 3.54 17.69
CA HIS B 94 -22.12 2.88 18.32
C HIS B 94 -22.93 2.16 17.25
N THR B 95 -23.78 1.23 17.68
CA THR B 95 -24.68 0.52 16.77
C THR B 95 -25.67 -0.35 17.57
N TYR B 96 -26.68 -0.91 16.89
CA TYR B 96 -27.76 -1.68 17.54
C TYR B 96 -27.88 -3.15 17.08
N VAL B 97 -27.69 -4.08 18.03
CA VAL B 97 -27.72 -5.52 17.78
C VAL B 97 -28.87 -6.24 18.49
N ASP B 98 -29.57 -7.12 17.77
CA ASP B 98 -30.69 -7.84 18.37
C ASP B 98 -30.34 -8.42 19.72
N ARG B 99 -31.24 -8.26 20.68
CA ARG B 99 -31.01 -8.75 22.02
C ARG B 99 -32.27 -9.40 22.55
N GLY B 100 -32.10 -10.51 23.26
CA GLY B 100 -33.22 -11.22 23.85
C GLY B 100 -32.80 -12.05 25.04
N TRP B 101 -33.64 -12.99 25.46
CA TRP B 101 -33.34 -13.89 26.57
C TRP B 101 -32.03 -14.61 26.27
N GLY B 102 -31.97 -15.16 25.05
CA GLY B 102 -30.79 -15.87 24.59
C GLY B 102 -29.51 -15.19 25.00
N ASN B 103 -29.29 -13.95 24.55
CA ASN B 103 -28.04 -13.28 24.84
C ASN B 103 -28.01 -12.34 26.05
N GLY B 104 -28.72 -12.72 27.11
CA GLY B 104 -28.67 -12.01 28.38
C GLY B 104 -29.60 -10.84 28.72
N CYS B 105 -30.62 -10.60 27.91
CA CYS B 105 -31.54 -9.51 28.19
C CYS B 105 -32.96 -10.02 28.20
N GLY B 106 -33.51 -10.21 29.39
CA GLY B 106 -34.87 -10.68 29.54
C GLY B 106 -35.90 -9.98 28.68
N LEU B 107 -35.51 -8.85 28.08
CA LEU B 107 -36.38 -8.08 27.21
C LEU B 107 -35.97 -8.28 25.75
N PHE B 108 -36.92 -8.12 24.83
CA PHE B 108 -36.61 -8.24 23.40
C PHE B 108 -36.71 -6.91 22.65
N GLY B 109 -35.76 -6.67 21.76
CA GLY B 109 -35.73 -5.43 20.99
C GLY B 109 -34.34 -5.19 20.43
N LYS B 110 -34.12 -4.01 19.88
CA LYS B 110 -32.78 -3.68 19.40
C LYS B 110 -32.05 -3.06 20.61
N GLY B 111 -30.97 -3.70 21.04
CA GLY B 111 -30.19 -3.19 22.15
C GLY B 111 -29.19 -2.17 21.66
N SER B 112 -28.46 -1.57 22.58
CA SER B 112 -27.44 -0.60 22.20
C SER B 112 -26.08 -1.27 22.31
N LEU B 113 -25.08 -0.74 21.59
CA LEU B 113 -23.72 -1.27 21.63
C LEU B 113 -22.69 -0.31 21.06
N VAL B 114 -21.52 -0.28 21.68
CA VAL B 114 -20.45 0.57 21.20
C VAL B 114 -19.14 -0.18 21.20
N THR B 115 -18.33 0.05 20.17
CA THR B 115 -17.04 -0.62 20.07
C THR B 115 -15.93 0.43 19.99
N CYS B 116 -14.74 0.08 20.45
CA CYS B 116 -13.59 1.00 20.41
C CYS B 116 -12.30 0.29 19.98
N ALA B 117 -11.36 1.04 19.43
CA ALA B 117 -10.12 0.44 18.95
C ALA B 117 -8.94 1.35 19.06
N LYS B 118 -7.98 0.99 19.92
CA LYS B 118 -6.76 1.78 20.08
C LYS B 118 -6.07 1.83 18.73
N PHE B 119 -5.74 3.04 18.30
CA PHE B 119 -5.12 3.27 17.02
C PHE B 119 -3.65 3.60 17.19
N GLN B 120 -2.80 2.87 16.44
CA GLN B 120 -1.35 3.10 16.43
C GLN B 120 -0.89 3.26 14.98
N CYS B 121 -0.27 4.38 14.64
CA CYS B 121 0.21 4.56 13.27
C CYS B 121 1.63 4.05 13.08
N LEU B 122 1.77 3.14 12.11
CA LEU B 122 3.03 2.48 11.81
C LEU B 122 3.91 3.36 10.94
N GLU B 123 3.55 3.50 9.66
CA GLU B 123 4.32 4.34 8.74
C GLU B 123 3.55 5.61 8.42
N SER B 124 4.30 6.70 8.25
CA SER B 124 3.67 7.99 8.01
C SER B 124 4.48 8.99 7.19
N ILE B 125 3.72 9.85 6.51
CA ILE B 125 4.20 10.94 5.67
C ILE B 125 4.36 12.22 6.49
N GLU B 126 5.39 13.00 6.16
CA GLU B 126 5.59 14.29 6.80
C GLU B 126 5.58 15.32 5.67
N GLY B 127 4.68 16.29 5.76
CA GLY B 127 4.64 17.36 4.78
C GLY B 127 5.38 18.57 5.33
N LYS B 128 6.54 18.86 4.73
CA LYS B 128 7.41 19.94 5.21
C LYS B 128 7.24 21.27 4.46
N ILE B 129 7.67 22.36 5.10
CA ILE B 129 7.64 23.67 4.47
C ILE B 129 9.02 24.35 4.33
N VAL B 130 9.49 24.40 3.07
CA VAL B 130 10.77 25.03 2.70
C VAL B 130 10.47 26.36 2.02
N GLN B 131 11.46 27.27 2.04
CA GLN B 131 11.32 28.60 1.45
C GLN B 131 12.67 29.09 0.89
N HIS B 132 12.63 30.15 0.07
CA HIS B 132 13.83 30.71 -0.52
C HIS B 132 15.06 30.68 0.39
N GLU B 133 15.17 31.67 1.30
CA GLU B 133 16.35 31.78 2.16
C GLU B 133 16.50 30.66 3.20
N ASN B 134 16.77 29.46 2.69
CA ASN B 134 16.88 28.24 3.49
C ASN B 134 17.82 27.28 2.76
N LEU B 135 18.23 27.66 1.54
CA LEU B 135 19.05 26.78 0.67
C LEU B 135 20.54 27.10 0.67
N LYS B 136 21.34 26.05 0.52
CA LYS B 136 22.80 26.15 0.53
C LYS B 136 23.40 25.30 -0.58
N TYR B 137 23.59 25.89 -1.75
CA TYR B 137 24.20 25.16 -2.87
C TYR B 137 25.69 24.99 -2.59
N THR B 138 26.24 23.85 -2.99
CA THR B 138 27.67 23.60 -2.80
C THR B 138 28.35 23.53 -4.16
N VAL B 139 29.24 24.48 -4.41
CA VAL B 139 29.94 24.54 -5.66
C VAL B 139 31.33 23.93 -5.51
N ILE B 140 31.73 23.16 -6.51
CA ILE B 140 33.03 22.52 -6.50
C ILE B 140 33.79 23.07 -7.70
N ILE B 141 34.96 23.65 -7.44
CA ILE B 141 35.74 24.29 -8.50
C ILE B 141 37.12 23.70 -8.71
N THR B 142 37.27 22.88 -9.74
CA THR B 142 38.57 22.30 -10.05
C THR B 142 39.27 23.04 -11.16
N VAL B 143 40.39 23.64 -10.79
CA VAL B 143 41.28 24.37 -11.68
C VAL B 143 42.03 23.39 -12.58
N HIS B 144 42.25 23.76 -13.84
CA HIS B 144 42.98 22.92 -14.78
C HIS B 144 44.47 22.87 -14.46
N THR B 145 44.83 22.04 -13.50
CA THR B 145 46.22 21.88 -13.12
C THR B 145 47.03 21.28 -14.24
N GLY B 146 46.57 20.15 -14.73
CA GLY B 146 47.32 19.38 -15.71
C GLY B 146 47.85 18.16 -14.99
N ASP B 147 47.41 18.02 -13.74
CA ASP B 147 47.81 16.91 -12.90
C ASP B 147 47.63 15.59 -13.59
N GLN B 148 48.54 14.66 -13.28
CA GLN B 148 48.59 13.32 -13.87
C GLN B 148 47.25 12.57 -13.95
N HIS B 149 46.44 12.65 -12.90
CA HIS B 149 45.19 11.88 -12.84
C HIS B 149 43.94 12.78 -12.89
N GLN B 150 44.16 14.10 -12.78
CA GLN B 150 43.10 15.12 -12.73
C GLN B 150 42.03 15.08 -13.84
N VAL B 151 42.24 14.23 -14.84
CA VAL B 151 41.37 14.22 -15.99
C VAL B 151 40.01 13.55 -15.70
N GLY B 152 39.03 14.35 -15.28
CA GLY B 152 37.70 13.82 -15.02
C GLY B 152 37.49 13.14 -13.66
N ASN B 153 38.27 13.57 -12.68
CA ASN B 153 38.18 13.03 -11.33
C ASN B 153 37.30 13.93 -10.47
N GLU B 154 36.09 13.49 -10.16
CA GLU B 154 35.17 14.36 -9.42
C GLU B 154 35.56 14.60 -7.95
N THR B 155 36.80 14.27 -7.60
CA THR B 155 37.25 14.37 -6.23
C THR B 155 38.07 15.61 -5.92
N GLN B 156 39.07 15.89 -6.74
CA GLN B 156 40.03 16.96 -6.49
C GLN B 156 39.50 18.38 -6.21
N GLY B 157 38.22 18.61 -6.49
CA GLY B 157 37.65 19.95 -6.33
C GLY B 157 38.00 20.81 -5.12
N VAL B 158 37.79 22.11 -5.27
CA VAL B 158 37.99 23.07 -4.18
C VAL B 158 36.58 23.54 -3.83
N THR B 159 36.10 23.10 -2.67
CA THR B 159 34.73 23.33 -2.23
C THR B 159 34.35 24.76 -1.81
N ALA B 160 33.15 25.19 -2.19
CA ALA B 160 32.63 26.52 -1.85
C ALA B 160 31.11 26.45 -1.65
N GLU B 161 30.65 26.96 -0.51
CA GLU B 161 29.23 26.94 -0.14
C GLU B 161 28.64 28.33 -0.28
N ILE B 162 27.57 28.45 -1.06
CA ILE B 162 27.01 29.75 -1.34
C ILE B 162 25.53 29.82 -0.99
N THR B 163 25.22 30.53 0.09
CA THR B 163 23.86 30.67 0.60
C THR B 163 23.14 31.89 0.04
N SER B 164 21.84 31.90 0.22
CA SER B 164 20.99 32.99 -0.25
C SER B 164 21.40 34.37 0.26
N GLN B 165 21.84 34.45 1.52
CA GLN B 165 22.23 35.73 2.10
C GLN B 165 23.72 36.00 2.29
N ALA B 166 24.54 34.98 2.04
CA ALA B 166 25.99 35.16 2.03
C ALA B 166 26.30 35.09 0.54
N SER B 167 25.35 35.62 -0.24
CA SER B 167 25.34 35.59 -1.70
C SER B 167 26.66 35.69 -2.47
N THR B 168 27.65 36.36 -1.90
CA THR B 168 28.94 36.49 -2.59
C THR B 168 30.10 36.13 -1.66
N ALA B 169 30.81 35.06 -2.00
CA ALA B 169 31.92 34.56 -1.21
C ALA B 169 33.13 34.24 -2.09
N GLU B 170 34.25 33.83 -1.46
CA GLU B 170 35.49 33.52 -2.20
C GLU B 170 36.26 32.20 -1.86
N ALA B 171 36.65 31.46 -2.91
CA ALA B 171 37.36 30.19 -2.75
C ALA B 171 38.87 30.30 -2.95
N ILE B 172 39.62 29.61 -2.10
CA ILE B 172 41.09 29.64 -2.14
C ILE B 172 41.68 28.40 -2.80
N LEU B 173 42.10 28.57 -4.04
CA LEU B 173 42.69 27.51 -4.85
C LEU B 173 44.22 27.47 -4.69
N PRO B 174 44.74 26.37 -4.15
CA PRO B 174 46.18 26.21 -3.94
C PRO B 174 47.08 26.58 -5.11
N GLU B 175 47.93 27.57 -4.90
CA GLU B 175 48.88 28.04 -5.91
C GLU B 175 48.21 28.67 -7.11
N TYR B 176 47.03 29.25 -6.91
CA TYR B 176 46.32 29.96 -7.97
C TYR B 176 45.76 31.24 -7.42
N GLY B 177 45.51 31.24 -6.12
CA GLY B 177 45.03 32.44 -5.46
C GLY B 177 43.66 32.33 -4.85
N THR B 178 42.75 33.20 -5.29
CA THR B 178 41.40 33.25 -4.72
C THR B 178 40.36 33.63 -5.78
N LEU B 179 39.30 32.83 -5.87
CA LEU B 179 38.24 33.09 -6.84
C LEU B 179 36.99 33.58 -6.16
N GLY B 180 36.67 34.85 -6.40
CA GLY B 180 35.45 35.41 -5.84
C GLY B 180 34.27 35.16 -6.76
N LEU B 181 33.15 34.75 -6.18
CA LEU B 181 31.94 34.55 -6.94
C LEU B 181 30.79 35.41 -6.41
N GLU B 182 29.93 35.86 -7.33
CA GLU B 182 28.80 36.70 -6.99
C GLU B 182 27.52 36.07 -7.53
N CYS B 183 27.00 35.09 -6.81
CA CYS B 183 25.84 34.31 -7.25
C CYS B 183 24.49 34.85 -6.77
N SER B 184 23.43 34.50 -7.50
CA SER B 184 22.08 34.90 -7.15
C SER B 184 21.05 33.77 -7.34
N PRO B 185 20.73 33.10 -6.23
CA PRO B 185 19.78 31.99 -6.17
C PRO B 185 18.37 32.23 -6.71
N ARG B 186 18.15 31.92 -8.00
CA ARG B 186 16.82 31.99 -8.58
C ARG B 186 16.27 30.57 -8.62
N THR B 187 14.98 30.42 -8.36
CA THR B 187 14.35 29.11 -8.33
C THR B 187 13.02 29.09 -9.09
N GLY B 188 12.85 28.03 -9.90
CA GLY B 188 11.66 27.87 -10.71
C GLY B 188 10.58 27.03 -10.05
N LEU B 189 10.35 27.33 -8.78
CA LEU B 189 9.31 26.71 -7.94
C LEU B 189 9.11 27.74 -6.85
N ASP B 190 7.86 28.14 -6.61
CA ASP B 190 7.59 29.15 -5.59
C ASP B 190 7.37 28.43 -4.27
N PHE B 191 8.41 28.42 -3.43
CA PHE B 191 8.34 27.74 -2.15
C PHE B 191 7.41 28.49 -1.20
N ASN B 192 6.21 28.79 -1.69
CA ASN B 192 5.20 29.47 -0.91
C ASN B 192 3.86 28.81 -1.18
N GLU B 193 3.78 28.10 -2.31
CA GLU B 193 2.58 27.37 -2.70
C GLU B 193 2.96 25.90 -2.90
N MET B 194 4.04 25.48 -2.25
CA MET B 194 4.51 24.10 -2.38
C MET B 194 4.93 23.50 -1.05
N ILE B 195 4.59 22.22 -0.86
CA ILE B 195 4.96 21.49 0.33
C ILE B 195 5.99 20.43 -0.05
N LEU B 196 7.07 20.35 0.73
CA LEU B 196 8.09 19.33 0.53
C LEU B 196 7.68 18.06 1.28
N LEU B 197 6.96 17.19 0.60
CA LEU B 197 6.43 15.98 1.21
C LEU B 197 7.49 14.90 1.27
N THR B 198 7.79 14.41 2.47
CA THR B 198 8.72 13.28 2.55
C THR B 198 7.91 11.99 2.63
N MET B 199 8.61 10.87 2.65
CA MET B 199 8.02 9.53 2.76
C MET B 199 9.13 8.49 2.63
N LYS B 200 9.52 7.90 3.75
CA LYS B 200 10.65 6.97 3.79
C LYS B 200 11.87 7.75 3.28
N ASP B 201 12.70 7.14 2.42
CA ASP B 201 13.90 7.85 1.94
C ASP B 201 13.64 8.82 0.78
N LYS B 202 12.40 8.84 0.29
CA LYS B 202 12.05 9.64 -0.88
C LYS B 202 11.47 11.01 -0.55
N ALA B 203 11.29 11.84 -1.58
CA ALA B 203 10.66 13.14 -1.40
C ALA B 203 10.25 13.83 -2.70
N TRP B 204 9.03 14.39 -2.69
CA TRP B 204 8.45 15.15 -3.80
C TRP B 204 8.26 16.62 -3.42
N MET B 205 7.49 17.33 -4.24
CA MET B 205 7.18 18.74 -3.98
C MET B 205 5.82 19.06 -4.59
N VAL B 206 4.78 19.13 -3.75
CA VAL B 206 3.42 19.37 -4.23
C VAL B 206 2.71 20.60 -3.64
N HIS B 207 1.52 20.85 -4.15
CA HIS B 207 0.66 21.97 -3.74
C HIS B 207 0.22 21.89 -2.27
N ARG B 208 0.40 22.97 -1.53
CA ARG B 208 -0.08 23.05 -0.16
C ARG B 208 -1.48 22.47 -0.11
N GLN B 209 -2.40 23.14 -0.81
CA GLN B 209 -3.81 22.75 -0.85
C GLN B 209 -4.02 21.26 -1.08
N TRP B 210 -3.48 20.74 -2.18
CA TRP B 210 -3.60 19.32 -2.52
C TRP B 210 -3.14 18.44 -1.35
N PHE B 211 -1.91 18.67 -0.92
CA PHE B 211 -1.33 17.93 0.19
C PHE B 211 -2.27 17.87 1.37
N PHE B 212 -2.94 18.99 1.64
CA PHE B 212 -3.88 19.09 2.74
C PHE B 212 -5.15 18.31 2.44
N ASP B 213 -5.52 18.27 1.17
CA ASP B 213 -6.74 17.58 0.72
C ASP B 213 -6.71 16.05 0.79
N LEU B 214 -5.50 15.49 0.79
CA LEU B 214 -5.34 14.04 0.82
C LEU B 214 -6.16 13.40 1.90
N PRO B 215 -6.81 12.29 1.56
CA PRO B 215 -7.60 11.55 2.55
C PRO B 215 -6.66 10.76 3.44
N LEU B 216 -6.16 11.39 4.49
CA LEU B 216 -5.22 10.73 5.40
C LEU B 216 -5.23 11.37 6.78
N PRO B 217 -5.26 10.51 7.81
CA PRO B 217 -5.28 10.87 9.24
C PRO B 217 -3.98 11.53 9.65
N TRP B 218 -4.07 12.76 10.15
CA TRP B 218 -2.89 13.60 10.38
C TRP B 218 -2.64 14.07 11.80
N THR B 219 -1.51 14.73 12.00
CA THR B 219 -1.13 15.25 13.30
C THR B 219 -0.12 16.39 13.18
N SER B 220 -0.64 17.61 13.10
CA SER B 220 0.20 18.80 13.01
C SER B 220 1.58 18.54 13.62
N GLY B 221 2.56 18.40 12.73
CA GLY B 221 3.96 18.11 13.07
C GLY B 221 4.57 18.49 14.40
N ALA B 222 5.34 17.53 14.94
CA ALA B 222 6.03 17.69 16.20
C ALA B 222 6.86 16.45 16.48
N THR B 223 8.00 16.65 17.12
CA THR B 223 8.92 15.53 17.41
C THR B 223 8.77 14.89 18.80
N THR B 224 9.30 13.67 18.88
CA THR B 224 9.35 12.84 20.09
C THR B 224 8.01 12.26 20.54
N LYS B 225 7.32 11.67 19.56
CA LYS B 225 6.20 10.74 19.75
C LYS B 225 4.77 11.04 20.22
N THR B 226 4.06 9.91 20.42
CA THR B 226 2.66 9.76 20.86
C THR B 226 1.51 10.67 20.34
N PRO B 227 1.42 10.86 19.02
CA PRO B 227 0.34 11.65 18.40
C PRO B 227 -1.09 11.39 18.80
N THR B 228 -1.93 12.29 18.30
CA THR B 228 -3.36 12.26 18.50
C THR B 228 -3.90 12.37 17.09
N TRP B 229 -3.73 11.28 16.34
CA TRP B 229 -4.17 11.22 14.98
C TRP B 229 -5.60 11.71 14.77
N ASN B 230 -5.71 12.80 14.01
CA ASN B 230 -6.98 13.40 13.61
C ASN B 230 -7.60 12.69 12.40
N ARG B 231 -8.92 12.55 12.39
CA ARG B 231 -9.65 11.96 11.27
C ARG B 231 -9.25 10.52 10.99
N LYS B 232 -9.20 9.72 12.04
CA LYS B 232 -8.84 8.31 11.89
C LYS B 232 -9.94 7.56 11.14
N GLU B 233 -11.02 8.25 10.82
CA GLU B 233 -12.15 7.63 10.10
C GLU B 233 -11.80 7.25 8.66
N LEU B 234 -10.72 7.86 8.15
CA LEU B 234 -10.28 7.65 6.76
C LEU B 234 -9.44 6.42 6.57
N LEU B 235 -9.29 5.62 7.62
CA LEU B 235 -8.46 4.43 7.57
C LEU B 235 -9.10 3.33 8.40
N VAL B 236 -9.97 3.70 9.35
CA VAL B 236 -10.64 2.75 10.22
C VAL B 236 -12.13 2.70 9.95
N THR B 237 -12.65 1.50 9.68
CA THR B 237 -14.07 1.34 9.37
C THR B 237 -14.78 0.34 10.25
N PHE B 238 -16.10 0.41 10.28
CA PHE B 238 -16.89 -0.53 11.07
C PHE B 238 -18.02 -1.15 10.26
N LYS B 239 -18.18 -2.46 10.41
CA LYS B 239 -19.20 -3.23 9.71
C LYS B 239 -20.12 -4.02 10.67
N ASN B 240 -21.41 -4.05 10.35
CA ASN B 240 -22.39 -4.77 11.15
C ASN B 240 -23.74 -4.70 10.47
N ALA B 241 -23.96 -5.61 9.53
CA ALA B 241 -25.21 -5.67 8.79
C ALA B 241 -26.17 -6.68 9.42
N HIS B 242 -25.60 -7.75 9.98
CA HIS B 242 -26.38 -8.82 10.60
C HIS B 242 -26.80 -8.53 12.05
N ALA B 243 -26.27 -7.46 12.63
CA ALA B 243 -26.56 -7.07 14.00
C ALA B 243 -26.36 -8.24 14.97
N LYS B 244 -25.10 -8.66 15.10
CA LYS B 244 -24.71 -9.77 15.98
C LYS B 244 -23.49 -9.32 16.79
N LYS B 245 -22.43 -8.95 16.08
CA LYS B 245 -21.19 -8.42 16.66
C LYS B 245 -20.62 -7.42 15.65
N GLN B 246 -19.79 -6.47 16.11
CA GLN B 246 -19.24 -5.45 15.21
C GLN B 246 -17.76 -5.64 14.89
N GLU B 247 -17.43 -5.75 13.60
CA GLU B 247 -16.04 -5.99 13.17
C GLU B 247 -15.27 -4.70 12.87
N VAL B 248 -14.05 -4.62 13.40
CA VAL B 248 -13.16 -3.46 13.20
C VAL B 248 -12.21 -3.78 12.06
N VAL B 249 -11.89 -2.78 11.23
CA VAL B 249 -11.00 -3.01 10.08
C VAL B 249 -10.17 -1.83 9.55
N VAL B 250 -8.84 -1.99 9.61
CA VAL B 250 -7.92 -0.99 9.10
C VAL B 250 -7.83 -1.11 7.58
N LEU B 251 -7.21 -0.14 6.91
CA LEU B 251 -7.17 -0.15 5.46
C LEU B 251 -5.89 -0.59 4.76
N GLY B 252 -4.82 -0.88 5.51
CA GLY B 252 -3.58 -1.30 4.87
C GLY B 252 -2.85 -0.15 4.18
N SER B 253 -1.53 -0.31 4.04
CA SER B 253 -0.64 0.73 3.52
C SER B 253 -1.07 1.48 2.26
N GLN B 254 -0.82 2.78 2.28
CA GLN B 254 -1.13 3.65 1.15
C GLN B 254 0.15 4.08 0.45
N GLU B 255 1.25 3.47 0.84
CA GLU B 255 2.52 3.77 0.19
C GLU B 255 2.25 3.73 -1.31
N GLY B 256 1.98 2.54 -1.83
CA GLY B 256 1.70 2.38 -3.24
C GLY B 256 0.78 3.45 -3.82
N ALA B 257 -0.44 3.53 -3.30
CA ALA B 257 -1.40 4.49 -3.81
C ALA B 257 -0.84 5.90 -3.88
N MET B 258 0.04 6.24 -2.94
CA MET B 258 0.67 7.57 -2.92
C MET B 258 1.66 7.75 -4.07
N HIS B 259 2.54 6.76 -4.27
CA HIS B 259 3.47 6.76 -5.40
C HIS B 259 2.67 7.01 -6.68
N THR B 260 1.74 6.08 -6.94
CA THR B 260 0.83 6.17 -8.09
C THR B 260 0.28 7.58 -8.27
N ALA B 261 -0.06 8.23 -7.16
CA ALA B 261 -0.62 9.57 -7.21
C ALA B 261 0.45 10.62 -7.43
N LEU B 262 1.62 10.43 -6.83
CA LEU B 262 2.74 11.34 -6.99
C LEU B 262 3.38 11.17 -8.37
N THR B 263 2.56 11.10 -9.41
CA THR B 263 3.03 10.90 -10.79
C THR B 263 3.78 12.11 -11.39
N GLY B 264 3.02 13.15 -11.74
CA GLY B 264 3.58 14.33 -12.39
C GLY B 264 4.50 15.19 -11.53
N ALA B 265 4.22 15.21 -10.23
CA ALA B 265 5.05 15.95 -9.28
C ALA B 265 6.52 15.61 -9.50
N THR B 266 7.38 16.60 -9.30
CA THR B 266 8.81 16.43 -9.50
C THR B 266 9.43 15.67 -8.35
N GLU B 267 10.39 14.80 -8.63
CA GLU B 267 11.05 14.06 -7.55
C GLU B 267 12.22 14.86 -6.98
N ILE B 268 12.72 14.44 -5.83
CA ILE B 268 13.81 15.14 -5.15
C ILE B 268 14.86 14.17 -4.60
N GLN B 269 14.48 12.89 -4.53
CA GLN B 269 15.34 11.81 -4.04
C GLN B 269 16.15 12.24 -2.83
N THR B 270 15.53 12.19 -1.65
CA THR B 270 16.19 12.58 -0.40
C THR B 270 17.39 11.68 -0.12
N SER B 271 18.44 12.27 0.46
CA SER B 271 19.68 11.54 0.73
C SER B 271 19.87 11.12 2.19
N GLY B 272 18.84 11.37 3.01
CA GLY B 272 18.91 11.07 4.43
C GLY B 272 19.28 12.32 5.20
N GLY B 273 18.69 13.44 4.80
CA GLY B 273 18.96 14.74 5.42
C GLY B 273 19.02 15.85 4.38
N THR B 274 19.89 15.68 3.40
CA THR B 274 20.03 16.64 2.31
C THR B 274 19.14 16.26 1.11
N SER B 275 18.94 17.20 0.19
CA SER B 275 18.08 16.99 -0.99
C SER B 275 18.63 17.66 -2.26
N ILE B 276 18.29 17.10 -3.42
CA ILE B 276 18.76 17.63 -4.69
C ILE B 276 17.65 18.31 -5.52
N PHE B 277 17.48 19.62 -5.33
CA PHE B 277 16.48 20.40 -6.07
C PHE B 277 17.04 20.88 -7.38
N ALA B 278 16.21 20.88 -8.41
CA ALA B 278 16.65 21.42 -9.70
C ALA B 278 16.65 22.94 -9.57
N GLY B 279 17.83 23.56 -9.58
CA GLY B 279 17.93 25.01 -9.42
C GLY B 279 19.01 25.65 -10.26
N HIS B 280 18.62 26.17 -11.43
CA HIS B 280 19.57 26.82 -12.33
C HIS B 280 20.14 28.09 -11.71
N LEU B 281 21.25 27.93 -10.99
CA LEU B 281 21.92 29.04 -10.28
C LEU B 281 22.87 29.85 -11.16
N LYS B 282 22.67 31.18 -11.20
CA LYS B 282 23.47 32.09 -12.02
C LYS B 282 24.40 32.99 -11.21
N CYS B 283 25.70 32.89 -11.49
CA CYS B 283 26.70 33.69 -10.82
C CYS B 283 27.42 34.66 -11.76
N ARG B 284 28.57 35.14 -11.29
CA ARG B 284 29.48 35.99 -12.04
C ARG B 284 30.80 35.92 -11.26
N LEU B 285 31.81 35.31 -11.87
CA LEU B 285 33.09 35.08 -11.21
C LEU B 285 34.07 36.24 -11.33
N LYS B 286 34.73 36.57 -10.22
CA LYS B 286 35.70 37.65 -10.23
C LYS B 286 37.11 37.08 -10.41
N MET B 287 37.70 37.31 -11.58
CA MET B 287 39.02 36.79 -11.93
C MET B 287 40.17 37.60 -11.32
N ASP B 288 39.83 38.77 -10.78
CA ASP B 288 40.80 39.68 -10.17
C ASP B 288 41.92 38.98 -9.40
N LYS B 289 41.65 38.74 -8.11
CA LYS B 289 42.60 38.12 -7.19
C LYS B 289 43.13 36.76 -7.63
N LEU B 290 42.46 36.17 -8.62
CA LEU B 290 42.85 34.88 -9.16
C LEU B 290 44.11 35.02 -10.01
N LYS B 291 45.26 34.65 -9.46
CA LYS B 291 46.54 34.70 -10.20
C LYS B 291 46.73 33.39 -10.97
N LEU B 292 47.84 33.27 -11.70
CA LEU B 292 48.09 32.07 -12.50
C LEU B 292 49.19 31.18 -11.89
N LYS B 293 49.56 30.14 -12.63
CA LYS B 293 50.59 29.22 -12.17
C LYS B 293 51.97 29.55 -12.75
N GLY B 294 52.47 30.74 -12.40
CA GLY B 294 53.80 31.16 -12.80
C GLY B 294 54.09 31.31 -14.28
N MET B 295 54.24 32.57 -14.70
CA MET B 295 54.68 32.87 -16.05
C MET B 295 56.18 33.03 -15.92
N SER B 296 56.62 33.05 -14.66
CA SER B 296 58.02 33.17 -14.30
C SER B 296 58.73 31.84 -14.52
N TYR B 297 58.14 30.98 -15.35
CA TYR B 297 58.71 29.70 -15.70
C TYR B 297 59.40 29.79 -17.05
N ALA B 298 60.47 29.01 -17.23
CA ALA B 298 61.18 28.96 -18.51
C ALA B 298 60.48 27.98 -19.46
N MET B 299 60.75 28.07 -20.75
CA MET B 299 60.17 27.13 -21.69
C MET B 299 61.00 25.86 -21.60
N CYS B 300 60.34 24.71 -21.69
CA CYS B 300 61.05 23.43 -21.69
C CYS B 300 61.80 23.29 -23.02
N LEU B 301 63.03 22.79 -22.97
CA LEU B 301 63.86 22.71 -24.16
C LEU B 301 64.04 21.32 -24.77
N ASN B 302 63.37 20.31 -24.21
CA ASN B 302 63.54 18.93 -24.69
C ASN B 302 62.36 18.30 -25.43
N THR B 303 62.14 17.02 -25.20
CA THR B 303 61.08 16.31 -25.90
C THR B 303 59.92 15.90 -25.03
N PHE B 304 58.76 15.78 -25.67
CA PHE B 304 57.56 15.31 -25.02
C PHE B 304 57.08 14.11 -25.80
N VAL B 305 56.99 12.95 -25.16
CA VAL B 305 56.51 11.77 -25.86
C VAL B 305 55.11 11.45 -25.35
N LEU B 306 54.17 11.31 -26.28
CA LEU B 306 52.77 11.06 -25.99
C LEU B 306 52.54 9.76 -25.22
N LYS B 307 52.26 9.88 -23.93
CA LYS B 307 52.09 8.70 -23.07
C LYS B 307 50.78 7.93 -23.28
N LYS B 308 49.70 8.64 -23.60
CA LYS B 308 48.40 8.02 -23.85
C LYS B 308 47.89 8.55 -25.19
N GLU B 309 47.49 7.67 -26.10
CA GLU B 309 47.01 8.08 -27.41
C GLU B 309 45.95 9.17 -27.28
N VAL B 310 46.15 10.30 -27.95
CA VAL B 310 45.20 11.42 -27.85
C VAL B 310 43.77 11.05 -28.20
N SER B 311 42.83 11.70 -27.53
CA SER B 311 41.42 11.42 -27.74
C SER B 311 40.55 12.68 -27.87
N GLU B 312 39.42 12.52 -28.55
CA GLU B 312 38.49 13.62 -28.71
C GLU B 312 37.34 13.45 -27.74
N THR B 313 36.98 14.56 -27.08
CA THR B 313 35.87 14.59 -26.12
C THR B 313 34.55 14.83 -26.86
N GLN B 314 33.44 14.65 -26.15
CA GLN B 314 32.11 14.75 -26.74
C GLN B 314 31.74 16.11 -27.31
N HIS B 315 32.70 17.04 -27.36
CA HIS B 315 32.39 18.39 -27.79
C HIS B 315 33.25 18.93 -28.93
N GLY B 316 34.47 18.43 -29.05
CA GLY B 316 35.34 18.87 -30.13
C GLY B 316 36.69 19.34 -29.62
N THR B 317 37.13 18.76 -28.51
CA THR B 317 38.46 19.03 -27.96
C THR B 317 39.27 17.75 -27.92
N ILE B 318 40.56 17.87 -27.63
CA ILE B 318 41.42 16.70 -27.49
C ILE B 318 42.03 16.70 -26.11
N LEU B 319 42.52 15.55 -25.68
CA LEU B 319 43.20 15.47 -24.41
C LEU B 319 44.52 14.78 -24.62
N ILE B 320 45.60 15.54 -24.54
CA ILE B 320 46.91 14.99 -24.75
C ILE B 320 47.59 14.67 -23.43
N LYS B 321 48.22 13.50 -23.35
CA LYS B 321 49.00 13.14 -22.16
C LYS B 321 50.44 12.92 -22.60
N VAL B 322 51.37 13.66 -22.02
CA VAL B 322 52.77 13.56 -22.43
C VAL B 322 53.75 13.48 -21.26
N GLU B 323 54.86 12.78 -21.47
CA GLU B 323 55.91 12.68 -20.47
C GLU B 323 57.10 13.48 -20.96
N TYR B 324 57.72 14.23 -20.07
CA TYR B 324 58.87 15.04 -20.44
C TYR B 324 60.18 14.29 -20.15
N LYS B 325 60.91 13.97 -21.22
CA LYS B 325 62.20 13.29 -21.12
C LYS B 325 63.30 14.35 -20.97
N GLY B 326 63.02 15.36 -20.17
CA GLY B 326 63.96 16.44 -19.96
C GLY B 326 64.63 16.42 -18.62
N GLU B 327 65.03 17.60 -18.17
CA GLU B 327 65.75 17.77 -16.92
C GLU B 327 65.57 19.23 -16.55
N ASP B 328 64.86 19.94 -17.43
CA ASP B 328 64.58 21.37 -17.30
C ASP B 328 63.91 21.70 -15.98
N ALA B 329 63.21 20.70 -15.44
CA ALA B 329 62.42 20.85 -14.20
C ALA B 329 61.29 21.81 -14.51
N PRO B 330 60.63 22.35 -13.48
CA PRO B 330 59.58 23.32 -13.79
C PRO B 330 59.84 24.23 -14.98
N CYS B 331 58.96 24.08 -16.00
CA CYS B 331 59.04 24.83 -17.25
C CYS B 331 57.71 24.74 -18.03
N LYS B 332 57.45 25.72 -18.89
CA LYS B 332 56.25 25.76 -19.75
C LYS B 332 56.31 24.73 -20.88
N ILE B 333 55.16 24.38 -21.43
CA ILE B 333 55.16 23.44 -22.54
C ILE B 333 54.86 24.16 -23.85
N PRO B 334 55.87 24.24 -24.71
CA PRO B 334 55.74 24.89 -26.02
C PRO B 334 54.58 24.30 -26.84
N PHE B 335 53.48 25.05 -26.91
CA PHE B 335 52.32 24.62 -27.70
C PHE B 335 52.18 25.49 -28.96
N SER B 336 52.54 24.90 -30.09
CA SER B 336 52.47 25.57 -31.38
C SER B 336 51.41 24.89 -32.25
N THR B 337 50.35 25.62 -32.59
CA THR B 337 49.28 25.07 -33.42
C THR B 337 49.54 25.31 -34.91
N GLU B 338 49.59 24.22 -35.67
CA GLU B 338 49.86 24.31 -37.12
C GLU B 338 48.62 24.07 -37.96
N ASP B 339 48.42 24.92 -38.97
CA ASP B 339 47.27 24.83 -39.88
C ASP B 339 47.53 23.90 -41.08
N GLY B 340 48.53 23.02 -40.95
CA GLY B 340 48.86 22.05 -41.99
C GLY B 340 50.22 22.27 -42.64
N GLN B 341 50.78 23.46 -42.45
CA GLN B 341 52.06 23.84 -43.05
C GLN B 341 52.90 24.76 -42.17
N GLY B 342 52.27 25.76 -41.56
CA GLY B 342 52.97 26.66 -40.65
C GLY B 342 52.91 28.13 -41.02
N LYS B 343 51.69 28.67 -41.15
CA LYS B 343 51.50 30.07 -41.56
C LYS B 343 50.60 30.89 -40.63
N ALA B 344 49.77 30.21 -39.83
CA ALA B 344 48.85 30.90 -38.91
C ALA B 344 48.43 30.05 -37.71
N HIS B 345 47.47 30.59 -36.94
CA HIS B 345 46.90 29.90 -35.78
C HIS B 345 45.36 29.81 -35.93
N ASN B 346 44.85 28.58 -35.90
CA ASN B 346 43.41 28.35 -36.07
C ASN B 346 42.74 27.76 -34.83
N GLY B 347 43.47 26.92 -34.11
CA GLY B 347 42.92 26.30 -32.91
C GLY B 347 43.53 26.84 -31.64
N ARG B 348 42.71 26.95 -30.59
CA ARG B 348 43.22 27.48 -29.34
C ARG B 348 43.31 26.42 -28.24
N LEU B 349 43.97 26.79 -27.14
CA LEU B 349 44.21 25.89 -26.01
C LEU B 349 43.22 26.10 -24.86
N ILE B 350 42.76 25.00 -24.26
CA ILE B 350 41.85 25.07 -23.12
C ILE B 350 42.62 25.09 -21.82
N THR B 351 43.33 24.00 -21.55
CA THR B 351 44.21 23.96 -20.40
C THR B 351 45.15 25.15 -20.64
N ALA B 352 44.93 26.22 -19.91
CA ALA B 352 45.78 27.39 -20.07
C ALA B 352 47.20 27.11 -19.54
N ASN B 353 48.19 27.72 -20.19
CA ASN B 353 49.60 27.62 -19.77
C ASN B 353 50.07 26.29 -19.19
N PRO B 354 49.93 25.20 -19.94
CA PRO B 354 50.37 23.89 -19.49
C PRO B 354 51.82 23.83 -19.09
N VAL B 355 52.04 23.32 -17.87
CA VAL B 355 53.36 23.23 -17.26
C VAL B 355 53.75 21.79 -16.91
N VAL B 356 55.05 21.54 -16.88
CA VAL B 356 55.57 20.28 -16.36
C VAL B 356 56.10 20.66 -15.00
N THR B 357 55.52 20.06 -13.96
CA THR B 357 55.89 20.31 -12.58
C THR B 357 57.06 19.45 -12.16
N LYS B 358 56.96 18.16 -12.47
CA LYS B 358 58.05 17.25 -12.18
C LYS B 358 58.28 16.40 -13.42
N LYS B 359 59.55 16.24 -13.77
CA LYS B 359 59.96 15.42 -14.91
C LYS B 359 59.25 14.09 -14.89
N GLU B 360 59.03 13.59 -13.67
CA GLU B 360 58.45 12.27 -13.40
C GLU B 360 56.92 12.15 -13.42
N GLU B 361 56.21 13.27 -13.52
CA GLU B 361 54.74 13.24 -13.54
C GLU B 361 54.18 13.69 -14.91
N PRO B 362 53.57 12.76 -15.65
CA PRO B 362 52.98 13.01 -16.98
C PRO B 362 52.07 14.24 -16.97
N VAL B 363 51.93 14.92 -18.11
CA VAL B 363 51.09 16.13 -18.16
C VAL B 363 49.91 16.03 -19.13
N ASN B 364 48.71 16.25 -18.61
CA ASN B 364 47.49 16.26 -19.41
C ASN B 364 47.17 17.67 -19.89
N ILE B 365 46.83 17.78 -21.17
CA ILE B 365 46.45 19.07 -21.75
C ILE B 365 45.21 18.87 -22.58
N GLU B 366 44.33 19.88 -22.59
CA GLU B 366 43.12 19.85 -23.41
C GLU B 366 43.05 21.03 -24.37
N ALA B 367 43.06 20.75 -25.67
CA ALA B 367 43.04 21.82 -26.66
C ALA B 367 41.83 21.76 -27.55
N GLU B 368 41.54 22.87 -28.22
CA GLU B 368 40.42 22.92 -29.15
C GLU B 368 40.87 23.13 -30.58
N PRO B 369 41.22 22.04 -31.23
CA PRO B 369 41.71 22.08 -32.61
C PRO B 369 40.79 22.71 -33.66
N PRO B 370 41.40 23.21 -34.75
CA PRO B 370 40.71 23.77 -35.93
C PRO B 370 39.85 22.70 -36.61
N PHE B 371 39.20 23.08 -37.70
CA PHE B 371 38.39 22.16 -38.48
C PHE B 371 39.18 21.48 -39.59
N GLY B 372 38.94 20.18 -39.76
CA GLY B 372 39.63 19.41 -40.76
C GLY B 372 41.05 19.08 -40.32
N GLU B 373 42.00 19.20 -41.24
CA GLU B 373 43.39 18.89 -40.93
C GLU B 373 43.97 19.94 -39.99
N SER B 374 44.86 19.47 -39.12
CA SER B 374 45.53 20.31 -38.12
C SER B 374 46.74 19.55 -37.60
N ASN B 375 47.83 20.26 -37.30
CA ASN B 375 49.02 19.63 -36.77
C ASN B 375 49.45 20.33 -35.49
N ILE B 376 49.90 19.56 -34.50
CA ILE B 376 50.33 20.17 -33.23
C ILE B 376 51.85 20.05 -33.02
N VAL B 377 52.40 21.00 -32.28
CA VAL B 377 53.83 21.02 -32.02
C VAL B 377 54.13 21.30 -30.56
N ILE B 378 54.15 20.22 -29.78
CA ILE B 378 54.43 20.30 -28.36
C ILE B 378 55.92 20.04 -28.11
N GLY B 379 56.70 21.10 -27.93
CA GLY B 379 58.13 20.96 -27.74
C GLY B 379 58.92 21.94 -28.61
N ILE B 380 60.23 21.74 -28.70
CA ILE B 380 61.07 22.64 -29.48
C ILE B 380 62.15 21.99 -30.35
N GLY B 381 62.15 22.40 -31.62
CA GLY B 381 63.17 22.04 -32.60
C GLY B 381 63.67 20.62 -32.69
N ASP B 382 64.42 20.22 -31.66
CA ASP B 382 65.00 18.89 -31.60
C ASP B 382 63.95 17.81 -31.38
N LYS B 383 63.58 17.10 -32.44
CA LYS B 383 62.61 16.01 -32.36
C LYS B 383 61.23 16.43 -31.81
N ALA B 384 60.96 17.73 -31.80
CA ALA B 384 59.69 18.26 -31.28
C ALA B 384 58.48 17.41 -31.64
N LEU B 385 57.60 17.20 -30.65
CA LEU B 385 56.42 16.34 -30.82
C LEU B 385 55.35 16.87 -31.76
N LYS B 386 54.95 16.01 -32.68
CA LYS B 386 53.96 16.32 -33.69
C LYS B 386 52.78 15.37 -33.59
N ILE B 387 51.57 15.93 -33.60
CA ILE B 387 50.36 15.12 -33.62
C ILE B 387 49.48 15.70 -34.73
N ASN B 388 49.39 14.98 -35.84
CA ASN B 388 48.51 15.41 -36.91
C ASN B 388 47.09 15.09 -36.45
N TRP B 389 46.15 15.94 -36.81
CA TRP B 389 44.76 15.77 -36.37
C TRP B 389 43.73 16.08 -37.42
N TYR B 390 42.70 15.25 -37.46
CA TYR B 390 41.59 15.42 -38.39
C TYR B 390 40.28 15.65 -37.63
N ARG B 391 39.75 16.86 -37.77
CA ARG B 391 38.53 17.28 -37.08
C ARG B 391 37.32 17.32 -38.01
N LYS B 392 36.14 17.11 -37.42
CA LYS B 392 34.85 17.13 -38.12
C LYS B 392 34.56 15.81 -38.83
C1 NAG C . 23.30 -13.04 -3.25
C2 NAG C . 23.76 -14.36 -3.90
C3 NAG C . 23.79 -15.50 -2.86
C4 NAG C . 24.52 -15.08 -1.56
C5 NAG C . 24.00 -13.72 -1.08
C6 NAG C . 24.70 -13.20 0.18
C7 NAG C . 21.60 -14.78 -5.03
C8 NAG C . 20.97 -16.13 -4.83
N2 NAG C . 22.94 -14.72 -5.05
O3 NAG C . 24.43 -16.64 -3.41
O4 NAG C . 24.33 -16.06 -0.56
O5 NAG C . 24.14 -12.76 -2.13
O6 NAG C . 26.06 -12.89 -0.12
O7 NAG C . 20.90 -13.78 -5.16
C1 FUL C . 26.46 -11.62 0.40
C2 FUL C . 26.20 -10.52 -0.65
O2 FUL C . 24.81 -10.38 -0.85
C3 FUL C . 26.79 -9.16 -0.22
O3 FUL C . 26.73 -8.28 -1.33
C4 FUL C . 28.23 -9.30 0.28
O4 FUL C . 29.10 -9.54 -0.82
C5 FUL C . 28.34 -10.43 1.31
C6 FUL C . 29.79 -10.67 1.72
O5 FUL C . 27.82 -11.65 0.77
C1 NAG D . -27.29 -22.67 25.92
C2 NAG D . -27.34 -22.01 27.30
C3 NAG D . -26.20 -22.56 28.18
C4 NAG D . -26.22 -24.09 28.23
C5 NAG D . -26.21 -24.62 26.79
C6 NAG D . -26.38 -26.14 26.74
C7 NAG D . -28.18 -19.77 27.74
C8 NAG D . -29.50 -19.59 27.01
N2 NAG D . -27.27 -20.56 27.18
O3 NAG D . -26.38 -22.06 29.50
O4 NAG D . -25.09 -24.60 28.96
O5 NAG D . -27.28 -24.09 26.01
O6 NAG D . -27.69 -26.45 27.16
O7 NAG D . -27.99 -19.14 28.80
C1 NAG D . -25.44 -25.01 30.26
C2 NAG D . -24.65 -26.24 30.67
C3 NAG D . -24.95 -26.67 32.12
C4 NAG D . -25.09 -25.50 33.14
C5 NAG D . -25.78 -24.28 32.48
C6 NAG D . -25.75 -23.02 33.33
C7 NAG D . -24.12 -27.63 28.76
C8 NAG D . -23.60 -29.06 28.67
N2 NAG D . -24.94 -27.33 29.76
O3 NAG D . -23.92 -27.54 32.54
O4 NAG D . -25.88 -25.88 34.27
O5 NAG D . -25.21 -23.98 31.20
O6 NAG D . -24.41 -22.58 33.55
O7 NAG D . -23.78 -26.79 27.92
C1 BMA D . -25.29 -26.48 35.44
C2 BMA D . -23.77 -26.65 35.35
C3 BMA D . -23.30 -27.41 36.60
C4 BMA D . -23.65 -26.57 37.83
C5 BMA D . -25.17 -26.43 37.82
C6 BMA D . -25.68 -25.74 39.07
O2 BMA D . -23.16 -25.37 35.34
O3 BMA D . -21.92 -27.68 36.52
O4 BMA D . -23.22 -27.21 39.01
O5 BMA D . -25.60 -25.74 36.64
O6 BMA D . -25.39 -24.32 39.00
C1 BMA D . -21.74 -28.88 35.79
C2 BMA D . -20.90 -28.67 34.52
C3 BMA D . -20.95 -29.98 33.70
C4 BMA D . -20.52 -31.18 34.56
C5 BMA D . -21.36 -31.21 35.85
C6 BMA D . -20.99 -32.35 36.80
O2 BMA D . -19.56 -28.36 34.87
O3 BMA D . -20.12 -29.87 32.57
O4 BMA D . -20.70 -32.36 33.83
O5 BMA D . -21.24 -29.97 36.55
O6 BMA D . -22.18 -32.89 37.37
C1 BMA D . -26.72 -23.73 40.17
C2 BMA D . -26.61 -22.28 40.63
C3 BMA D . -27.73 -22.04 41.68
C4 BMA D . -29.11 -22.55 41.19
C5 BMA D . -29.01 -23.96 40.63
C6 BMA D . -30.30 -24.45 40.00
O2 BMA D . -26.76 -21.38 39.54
O3 BMA D . -27.81 -20.66 42.01
O4 BMA D . -30.03 -22.52 42.25
O5 BMA D . -28.00 -24.00 39.63
O6 BMA D . -30.85 -25.52 40.77
C1 FUL D . -27.82 -28.15 27.56
C2 FUL D . -28.51 -28.83 26.41
O2 FUL D . -27.80 -28.70 25.18
C3 FUL D . -28.65 -30.31 26.77
O3 FUL D . -29.40 -30.97 25.75
C4 FUL D . -29.40 -30.46 28.10
O4 FUL D . -30.77 -30.12 27.93
C5 FUL D . -28.78 -29.58 29.20
C6 FUL D . -29.64 -29.43 30.43
O5 FUL D . -28.57 -28.24 28.76
C1 NAG E . 41.45 10.22 -9.10
C2 NAG E . 42.20 9.04 -9.72
C3 NAG E . 42.78 8.16 -8.61
C4 NAG E . 43.62 8.97 -7.60
C5 NAG E . 42.82 10.22 -7.15
C6 NAG E . 43.67 11.19 -6.37
C7 NAG E . 41.71 7.92 -11.81
C8 NAG E . 41.37 8.88 -12.95
N2 NAG E . 41.33 8.26 -10.58
O3 NAG E . 43.55 7.13 -9.19
O4 NAG E . 43.89 8.13 -6.44
O5 NAG E . 42.31 10.96 -8.25
O6 NAG E . 44.58 11.83 -7.25
O7 NAG E . 42.31 6.88 -12.07
C1 NAG E . 45.25 7.82 -6.08
C2 NAG E . 46.03 7.08 -7.17
C3 NAG E . 47.40 6.63 -6.59
C4 NAG E . 48.12 7.78 -5.82
C5 NAG E . 47.16 8.57 -4.89
C6 NAG E . 47.81 9.86 -4.43
C7 NAG E . 45.66 5.06 -8.52
C8 NAG E . 45.55 3.60 -8.14
N2 NAG E . 45.24 5.94 -7.60
O3 NAG E . 48.22 6.25 -7.68
O4 NAG E . 49.36 7.33 -5.22
O5 NAG E . 45.97 8.94 -5.60
O6 NAG E . 47.27 10.30 -3.20
O7 NAG E . 46.12 5.38 -9.61
C1 MAN E . 49.63 6.79 -3.90
C2 MAN E . 48.47 6.24 -3.03
C3 MAN E . 47.89 7.29 -2.05
C4 MAN E . 48.97 8.13 -1.37
C5 MAN E . 50.01 8.64 -2.39
C6 MAN E . 51.16 9.36 -1.66
O2 MAN E . 48.95 5.13 -2.28
O3 MAN E . 47.13 6.62 -1.05
O4 MAN E . 48.35 9.23 -0.72
O5 MAN E . 50.57 7.58 -3.16
O6 MAN E . 52.13 9.82 -2.60
C1 FUL E . 45.88 12.53 -6.34
C2 FUL E . 45.61 13.99 -6.16
O2 FUL E . 44.40 14.23 -5.48
C3 FUL E . 46.77 14.58 -5.33
O3 FUL E . 46.60 15.98 -5.18
C4 FUL E . 48.11 14.28 -6.02
O4 FUL E . 48.25 15.04 -7.21
C5 FUL E . 48.24 12.78 -6.36
C6 FUL E . 49.42 12.47 -7.27
O5 FUL E . 47.07 12.31 -7.05
C1 NAG F . -3.88 -3.01 26.03
C2 NAG F . -3.71 -2.54 27.49
C3 NAG F . -2.24 -2.69 27.94
C4 NAG F . -1.64 -4.06 27.54
C5 NAG F . -1.98 -4.39 26.07
C6 NAG F . -1.50 -5.76 25.62
C7 NAG F . -3.79 -0.17 26.86
C8 NAG F . -2.68 0.74 27.34
N2 NAG F . -4.16 -1.16 27.66
O3 NAG F . -2.15 -2.52 29.34
O4 NAG F . -0.23 -4.02 27.72
O5 NAG F . -3.39 -4.33 25.90
O6 NAG F . -1.96 -6.04 24.31
O7 NAG F . -4.31 0.04 25.76
#